data_1GZU
#
_entry.id   1GZU
#
_cell.length_a   140.800
_cell.length_b   235.700
_cell.length_c   89.000
_cell.angle_alpha   90.00
_cell.angle_beta   90.00
_cell.angle_gamma   90.00
#
_symmetry.space_group_name_H-M   'C 2 2 21'
#
loop_
_entity.id
_entity.type
_entity.pdbx_description
1 polymer 'NICOTINAMIDE MONONUCLEOTIDE ADENYLYL TRANSFERASE'
2 non-polymer 'BETA-NICOTINAMIDE RIBOSE MONOPHOSPHATE'
#
_entity_poly.entity_id   1
_entity_poly.type   'polypeptide(L)'
_entity_poly.pdbx_seq_one_letter_code
;(MSE)RGSHHHHHHGSENSEKTEVVLLACGSFNPITN(MSE)HLRLFELAKDY(MSE)NGTGRYTVVKGIISPVGDAYKK
KGLIPAYHRVI(MSE)AELATKNSKWVEVDTWESLQKEWKETLKVLRHHQEKLEASDCDHQQNSPTLERPGRKRKWTETQ
DSSQKKSLEPKTKAVPKVKLLCGADLLESFAVPNLWKSEDITQIVANYGLICVTRAGNDAQKFIYESDVLWKHRSNIHVV
NEWIANDISSTKIRRALRRGQSIRYLVPDLVQEYIEKHNLYSSESEDRNAGVILAPLQRNTAEAKT
;
_entity_poly.pdbx_strand_id   A,B,C
#
loop_
_chem_comp.id
_chem_comp.type
_chem_comp.name
_chem_comp.formula
NMN non-polymer 'BETA-NICOTINAMIDE RIBOSE MONOPHOSPHATE' 'C11 H16 N2 O8 P 1'
#
# COMPACT_ATOMS: atom_id res chain seq x y z
N LYS A 17 -29.10 12.88 32.36
CA LYS A 17 -28.99 12.37 30.96
C LYS A 17 -27.75 12.91 30.25
N THR A 18 -27.32 14.11 30.62
CA THR A 18 -26.12 14.72 30.03
C THR A 18 -26.43 15.32 28.68
N GLU A 19 -26.71 16.61 28.66
CA GLU A 19 -26.95 17.29 27.41
C GLU A 19 -25.62 17.46 26.68
N VAL A 20 -25.66 17.40 25.36
CA VAL A 20 -24.43 17.52 24.59
C VAL A 20 -24.56 18.50 23.44
N VAL A 21 -23.42 19.05 23.03
CA VAL A 21 -23.35 19.91 21.86
C VAL A 21 -22.29 19.33 20.96
N LEU A 22 -22.64 19.09 19.71
CA LEU A 22 -21.67 18.52 18.78
C LEU A 22 -20.94 19.62 18.02
N LEU A 23 -19.61 19.69 18.14
CA LEU A 23 -18.85 20.69 17.43
C LEU A 23 -18.08 20.06 16.31
N ALA A 24 -18.22 20.59 15.13
CA ALA A 24 -17.48 20.08 14.00
C ALA A 24 -16.53 21.14 13.43
N CYS A 25 -15.23 20.98 13.65
CA CYS A 25 -14.27 21.84 13.00
C CYS A 25 -13.93 21.22 11.67
N GLY A 26 -13.73 22.05 10.66
CA GLY A 26 -13.32 21.55 9.37
C GLY A 26 -13.19 22.66 8.35
N SER A 27 -12.37 22.46 7.33
CA SER A 27 -12.25 23.48 6.33
C SER A 27 -13.63 23.89 5.89
N PHE A 28 -14.52 22.92 5.76
CA PHE A 28 -15.81 23.18 5.15
C PHE A 28 -15.65 23.98 3.91
N ASN A 29 -14.75 23.59 3.00
CA ASN A 29 -14.87 24.19 1.68
C ASN A 29 -16.28 23.80 1.37
N PRO A 30 -16.65 23.62 0.14
CA PRO A 30 -18.09 23.54 -0.11
C PRO A 30 -18.64 22.66 0.98
N ILE A 31 -19.50 23.18 1.81
CA ILE A 31 -20.16 22.34 2.77
C ILE A 31 -21.13 21.56 1.90
N THR A 32 -21.42 20.32 2.27
CA THR A 32 -22.28 19.50 1.41
C THR A 32 -23.23 18.73 2.22
N ASN A 33 -24.17 18.09 1.55
CA ASN A 33 -25.18 17.28 2.24
C ASN A 33 -24.55 16.33 3.21
N MSE A 34 -23.38 15.81 2.86
CA MSE A 34 -22.62 14.98 3.77
C MSE A 34 -22.47 15.63 5.13
O MSE A 34 -22.92 15.11 6.14
CB MSE A 34 -21.25 14.69 3.21
CG MSE A 34 -20.43 13.75 4.09
SE MSE A 34 -18.49 14.02 3.97
CE MSE A 34 -18.11 13.05 2.35
N HIS A 35 -21.83 16.79 5.17
CA HIS A 35 -21.57 17.43 6.45
C HIS A 35 -22.80 17.53 7.24
N LEU A 36 -23.89 17.83 6.57
CA LEU A 36 -25.12 18.00 7.29
C LEU A 36 -25.56 16.66 7.77
N ARG A 37 -25.47 15.65 6.92
CA ARG A 37 -25.90 14.34 7.37
C ARG A 37 -25.14 13.89 8.58
N LEU A 38 -23.86 14.18 8.63
CA LEU A 38 -23.09 13.77 9.80
C LEU A 38 -23.81 14.14 11.05
N PHE A 39 -24.16 15.40 11.19
CA PHE A 39 -24.87 15.83 12.38
C PHE A 39 -26.10 14.99 12.59
N GLU A 40 -26.84 14.72 11.52
CA GLU A 40 -28.06 13.97 11.73
C GLU A 40 -27.78 12.58 12.22
N LEU A 41 -26.67 12.02 11.76
CA LEU A 41 -26.25 10.71 12.21
C LEU A 41 -25.78 10.69 13.65
N ALA A 42 -24.85 11.59 13.99
CA ALA A 42 -24.34 11.69 15.33
C ALA A 42 -25.47 11.85 16.32
N LYS A 43 -26.38 12.75 16.01
CA LYS A 43 -27.47 13.00 16.92
C LYS A 43 -28.22 11.71 17.18
N ASP A 44 -28.87 11.20 16.16
CA ASP A 44 -29.60 9.97 16.27
C ASP A 44 -28.87 8.94 17.12
N TYR A 45 -27.57 8.82 16.94
CA TYR A 45 -26.82 7.85 17.74
C TYR A 45 -26.85 8.19 19.22
N MSE A 46 -26.30 9.34 19.59
CA MSE A 46 -26.25 9.72 20.99
C MSE A 46 -27.64 9.66 21.63
O MSE A 46 -27.81 9.03 22.69
CB MSE A 46 -25.63 11.12 21.14
CG MSE A 46 -24.21 11.22 20.58
SE MSE A 46 -22.94 10.22 21.62
CE MSE A 46 -22.63 11.51 22.98
N ASN A 47 -28.62 10.30 21.03
CA ASN A 47 -29.97 10.26 21.58
C ASN A 47 -30.48 8.83 21.71
N GLY A 48 -30.11 7.99 20.76
CA GLY A 48 -30.56 6.61 20.76
C GLY A 48 -29.82 5.72 21.75
N THR A 49 -28.92 6.29 22.51
CA THR A 49 -28.18 5.50 23.46
C THR A 49 -28.85 5.58 24.80
N GLY A 50 -29.65 6.61 24.99
CA GLY A 50 -30.34 6.82 26.24
C GLY A 50 -29.51 7.56 27.27
N ARG A 51 -28.19 7.48 27.13
CA ARG A 51 -27.27 8.14 28.05
C ARG A 51 -27.07 9.62 27.70
N TYR A 52 -27.75 10.12 26.66
CA TYR A 52 -27.45 11.45 26.14
C TYR A 52 -28.63 12.16 25.51
N THR A 53 -28.49 13.48 25.38
CA THR A 53 -29.51 14.30 24.75
C THR A 53 -28.81 15.41 24.01
N VAL A 54 -28.86 15.35 22.68
CA VAL A 54 -28.18 16.31 21.84
C VAL A 54 -28.89 17.64 21.79
N VAL A 55 -28.27 18.67 22.36
CA VAL A 55 -28.91 19.98 22.46
C VAL A 55 -28.74 20.89 21.24
N LYS A 56 -27.50 21.06 20.81
CA LYS A 56 -27.21 21.89 19.65
C LYS A 56 -25.95 21.43 18.91
N GLY A 57 -25.88 21.74 17.62
CA GLY A 57 -24.75 21.37 16.81
C GLY A 57 -24.17 22.61 16.26
N ILE A 58 -22.84 22.67 16.19
CA ILE A 58 -22.12 23.86 15.81
C ILE A 58 -21.17 23.62 14.65
N ILE A 59 -21.26 24.44 13.61
CA ILE A 59 -20.34 24.34 12.49
C ILE A 59 -19.31 25.44 12.66
N SER A 60 -18.03 25.08 12.64
CA SER A 60 -17.03 26.10 12.82
C SER A 60 -15.95 26.05 11.76
N PRO A 61 -16.18 26.76 10.66
CA PRO A 61 -15.23 26.77 9.54
C PRO A 61 -13.89 27.24 10.00
N VAL A 62 -12.84 26.70 9.41
CA VAL A 62 -11.50 27.02 9.82
C VAL A 62 -11.15 28.39 9.27
N GLY A 63 -10.17 29.04 9.90
CA GLY A 63 -9.68 30.33 9.47
C GLY A 63 -8.85 30.25 8.21
N ASP A 64 -8.51 31.39 7.64
CA ASP A 64 -7.73 31.43 6.42
C ASP A 64 -6.28 31.12 6.74
N ALA A 65 -5.88 31.39 7.97
CA ALA A 65 -4.54 31.16 8.42
C ALA A 65 -4.10 29.68 8.31
N TYR A 66 -5.06 28.76 8.37
CA TYR A 66 -4.76 27.32 8.28
C TYR A 66 -3.87 27.03 7.07
N LYS A 67 -4.06 27.83 6.03
CA LYS A 67 -3.23 27.76 4.83
C LYS A 67 -3.21 26.40 4.15
N LYS A 68 -4.39 25.83 3.93
CA LYS A 68 -4.54 24.57 3.23
C LYS A 68 -4.61 24.87 1.75
N LYS A 69 -4.23 23.92 0.92
CA LYS A 69 -4.31 24.13 -0.53
C LYS A 69 -5.77 24.30 -0.98
N GLY A 70 -6.00 25.22 -1.91
CA GLY A 70 -7.34 25.45 -2.44
C GLY A 70 -8.37 26.01 -1.47
N LEU A 71 -7.90 26.46 -0.32
CA LEU A 71 -8.79 27.00 0.72
C LEU A 71 -9.20 28.38 0.34
N ILE A 72 -10.42 28.54 -0.15
CA ILE A 72 -10.93 29.87 -0.49
C ILE A 72 -11.20 30.68 0.76
N PRO A 73 -11.28 32.01 0.61
CA PRO A 73 -11.45 32.90 1.78
C PRO A 73 -12.56 32.47 2.72
N ALA A 74 -12.34 32.61 4.02
CA ALA A 74 -13.31 32.22 5.03
C ALA A 74 -14.72 32.76 4.83
N TYR A 75 -14.86 34.05 4.56
CA TYR A 75 -16.21 34.63 4.52
C TYR A 75 -17.11 33.78 3.63
N HIS A 76 -16.59 33.31 2.50
CA HIS A 76 -17.39 32.49 1.63
C HIS A 76 -17.79 31.18 2.36
N ARG A 77 -16.82 30.58 3.01
CA ARG A 77 -17.06 29.39 3.76
C ARG A 77 -18.10 29.61 4.83
N VAL A 78 -17.93 30.62 5.64
CA VAL A 78 -18.95 30.84 6.65
C VAL A 78 -20.31 31.11 6.02
N ILE A 79 -20.40 32.00 5.05
CA ILE A 79 -21.71 32.29 4.47
C ILE A 79 -22.39 31.04 3.98
N MSE A 80 -21.69 30.25 3.17
CA MSE A 80 -22.27 29.04 2.60
C MSE A 80 -22.83 28.10 3.71
O MSE A 80 -23.88 27.54 3.56
CB MSE A 80 -21.25 28.34 1.68
CG MSE A 80 -21.57 28.42 0.19
SE MSE A 80 -20.08 27.82 -0.88
CE MSE A 80 -18.87 28.02 0.31
N ALA A 81 -22.11 27.95 4.80
CA ALA A 81 -22.60 27.13 5.89
C ALA A 81 -23.90 27.71 6.37
N GLU A 82 -23.90 29.00 6.59
CA GLU A 82 -25.09 29.63 7.10
C GLU A 82 -26.26 29.41 6.18
N LEU A 83 -26.03 29.53 4.88
CA LEU A 83 -27.14 29.25 4.01
C LEU A 83 -27.50 27.79 4.20
N ALA A 84 -26.50 26.93 4.25
CA ALA A 84 -26.78 25.51 4.40
C ALA A 84 -27.54 25.18 5.67
N THR A 85 -27.45 26.03 6.67
CA THR A 85 -28.10 25.69 7.91
C THR A 85 -29.33 26.53 8.18
N LYS A 86 -29.56 27.51 7.33
CA LYS A 86 -30.68 28.43 7.49
C LYS A 86 -31.91 27.74 8.04
N ASN A 87 -32.26 26.60 7.48
CA ASN A 87 -33.48 25.92 7.89
C ASN A 87 -33.31 24.78 8.90
N SER A 88 -32.29 24.86 9.75
CA SER A 88 -32.09 23.82 10.74
C SER A 88 -32.40 24.37 12.07
N LYS A 89 -33.12 23.57 12.85
CA LYS A 89 -33.55 23.98 14.15
C LYS A 89 -32.45 23.89 15.18
N TRP A 90 -31.39 23.15 14.89
CA TRP A 90 -30.37 22.93 15.93
C TRP A 90 -28.93 23.06 15.52
N VAL A 91 -28.65 23.14 14.23
CA VAL A 91 -27.29 23.25 13.80
C VAL A 91 -27.05 24.68 13.40
N GLU A 92 -26.15 25.36 14.09
CA GLU A 92 -25.88 26.75 13.76
C GLU A 92 -24.40 26.95 13.48
N VAL A 93 -24.07 27.96 12.71
CA VAL A 93 -22.65 28.23 12.42
C VAL A 93 -22.00 28.98 13.58
N ASP A 94 -20.68 29.13 13.55
CA ASP A 94 -19.96 29.85 14.60
C ASP A 94 -18.69 30.40 14.06
N THR A 95 -18.57 31.71 14.04
CA THR A 95 -17.47 32.33 13.31
C THR A 95 -16.20 32.65 14.11
N TRP A 96 -16.19 32.39 15.40
CA TRP A 96 -15.03 32.76 16.25
C TRP A 96 -13.67 32.29 15.77
N GLU A 97 -13.65 31.15 15.09
CA GLU A 97 -12.42 30.53 14.64
C GLU A 97 -11.94 31.21 13.36
N SER A 98 -12.90 31.55 12.51
CA SER A 98 -12.60 32.17 11.22
C SER A 98 -12.08 33.61 11.33
N LEU A 99 -12.26 34.21 12.49
CA LEU A 99 -11.85 35.58 12.72
C LEU A 99 -10.44 35.69 13.34
N GLN A 100 -10.04 34.69 14.11
CA GLN A 100 -8.71 34.64 14.70
C GLN A 100 -7.67 34.97 13.67
N LYS A 101 -6.62 35.69 14.06
CA LYS A 101 -5.63 36.03 13.06
C LYS A 101 -4.61 34.96 12.93
N GLU A 102 -4.49 34.12 13.95
CA GLU A 102 -3.60 32.96 13.89
C GLU A 102 -4.42 31.67 13.92
N TRP A 103 -3.97 30.68 13.17
CA TRP A 103 -4.70 29.41 13.10
C TRP A 103 -4.83 28.83 14.49
N LYS A 104 -5.99 28.24 14.77
CA LYS A 104 -6.31 27.70 16.08
C LYS A 104 -6.27 26.19 16.15
N GLU A 105 -5.54 25.68 17.14
CA GLU A 105 -5.50 24.26 17.39
C GLU A 105 -6.89 23.84 17.84
N THR A 106 -7.35 22.70 17.33
CA THR A 106 -8.70 22.20 17.63
C THR A 106 -8.96 22.16 19.11
N LEU A 107 -7.90 21.95 19.85
CA LEU A 107 -8.07 21.84 21.28
C LEU A 107 -8.52 23.17 21.84
N LYS A 108 -7.97 24.25 21.29
CA LYS A 108 -8.28 25.59 21.77
C LYS A 108 -9.72 25.93 21.44
N VAL A 109 -10.16 25.47 20.29
CA VAL A 109 -11.50 25.76 19.85
C VAL A 109 -12.50 24.99 20.74
N LEU A 110 -12.17 23.76 21.06
CA LEU A 110 -13.00 22.95 21.94
C LEU A 110 -13.16 23.68 23.26
N ARG A 111 -12.03 24.11 23.83
CA ARG A 111 -12.02 24.83 25.11
C ARG A 111 -12.91 26.02 24.99
N HIS A 112 -12.59 26.86 24.03
CA HIS A 112 -13.37 28.03 23.73
C HIS A 112 -14.86 27.79 23.93
N HIS A 113 -15.43 26.90 23.13
CA HIS A 113 -16.87 26.63 23.19
C HIS A 113 -17.35 26.08 24.50
N GLN A 114 -16.52 25.26 25.13
CA GLN A 114 -16.84 24.71 26.42
C GLN A 114 -16.93 25.87 27.40
N GLU A 115 -15.82 26.63 27.50
CA GLU A 115 -15.75 27.81 28.34
C GLU A 115 -17.01 28.66 28.14
N LYS A 116 -17.31 28.95 26.88
CA LYS A 116 -18.47 29.73 26.53
C LYS A 116 -19.69 29.18 27.26
N LEU A 117 -19.91 27.88 27.15
CA LEU A 117 -21.09 27.27 27.74
C LEU A 117 -21.12 27.48 29.25
N GLU A 118 -19.93 27.49 29.85
CA GLU A 118 -19.80 27.66 31.30
C GLU A 118 -20.00 29.12 31.69
N ALA A 119 -20.76 29.87 30.89
CA ALA A 119 -21.07 31.27 31.18
C ALA A 119 -22.49 31.65 30.75
N ALA A 158 -26.42 21.42 35.03
CA ALA A 158 -26.71 21.99 33.72
C ALA A 158 -25.43 22.52 33.04
N VAL A 159 -24.63 21.60 32.54
CA VAL A 159 -23.42 21.95 31.82
C VAL A 159 -23.26 20.98 30.67
N PRO A 160 -23.72 21.39 29.50
CA PRO A 160 -23.66 20.54 28.29
C PRO A 160 -22.22 20.24 27.91
N LYS A 161 -21.90 18.98 27.72
CA LYS A 161 -20.55 18.65 27.34
C LYS A 161 -20.39 18.89 25.84
N VAL A 162 -19.30 19.55 25.47
CA VAL A 162 -18.98 19.76 24.08
C VAL A 162 -18.31 18.49 23.63
N LYS A 163 -18.63 18.00 22.44
CA LYS A 163 -17.98 16.81 21.92
C LYS A 163 -17.59 16.99 20.47
N LEU A 164 -16.39 16.57 20.13
CA LEU A 164 -15.88 16.79 18.80
C LEU A 164 -16.54 15.86 17.78
N LEU A 165 -17.18 16.42 16.79
CA LEU A 165 -17.78 15.60 15.75
C LEU A 165 -16.80 15.47 14.59
N CYS A 166 -16.60 14.28 14.06
CA CYS A 166 -15.67 14.14 12.95
C CYS A 166 -15.84 12.89 12.16
N GLY A 167 -14.99 12.74 11.17
CA GLY A 167 -15.00 11.58 10.31
C GLY A 167 -13.73 10.80 10.55
N ALA A 168 -13.45 9.83 9.69
CA ALA A 168 -12.27 8.99 9.81
C ALA A 168 -10.94 9.74 9.60
N ASP A 169 -10.84 10.47 8.51
CA ASP A 169 -9.58 11.10 8.17
C ASP A 169 -8.98 11.91 9.30
N LEU A 170 -9.78 12.80 9.86
CA LEU A 170 -9.40 13.56 11.04
C LEU A 170 -8.76 12.61 12.03
N LEU A 171 -9.55 11.72 12.57
CA LEU A 171 -9.07 10.70 13.49
C LEU A 171 -7.77 10.08 13.01
N GLU A 172 -7.78 9.53 11.82
CA GLU A 172 -6.59 8.90 11.31
C GLU A 172 -5.42 9.86 11.15
N SER A 173 -5.72 11.14 11.05
CA SER A 173 -4.65 12.11 10.91
C SER A 173 -3.85 12.25 12.21
N PHE A 174 -4.36 11.69 13.31
CA PHE A 174 -3.65 11.73 14.59
C PHE A 174 -2.26 11.11 14.51
N ALA A 175 -2.05 10.30 13.48
CA ALA A 175 -0.78 9.61 13.29
C ALA A 175 0.19 10.37 12.42
N VAL A 176 -0.30 11.35 11.68
CA VAL A 176 0.60 12.18 10.87
C VAL A 176 1.62 12.86 11.78
N PRO A 177 2.89 12.72 11.42
CA PRO A 177 3.97 13.32 12.20
C PRO A 177 3.84 14.85 12.32
N ASN A 178 3.90 15.36 13.55
CA ASN A 178 3.95 16.80 13.76
C ASN A 178 2.62 17.51 13.54
N LEU A 179 1.61 16.77 13.13
CA LEU A 179 0.33 17.37 12.85
C LEU A 179 -0.42 17.71 14.13
N TRP A 180 -0.19 16.90 15.16
CA TRP A 180 -0.90 17.04 16.42
C TRP A 180 0.06 16.97 17.61
N LYS A 181 -0.24 17.75 18.64
CA LYS A 181 0.53 17.67 19.85
C LYS A 181 0.01 16.50 20.67
N SER A 182 0.84 15.47 20.83
CA SER A 182 0.47 14.28 21.58
C SER A 182 -0.49 14.58 22.73
N GLU A 183 -0.10 15.48 23.62
CA GLU A 183 -0.96 15.83 24.74
C GLU A 183 -2.25 16.48 24.28
N ASP A 184 -2.22 17.14 23.13
CA ASP A 184 -3.45 17.73 22.59
C ASP A 184 -4.47 16.60 22.38
N ILE A 185 -4.06 15.58 21.63
CA ILE A 185 -4.86 14.37 21.46
C ILE A 185 -5.38 13.94 22.81
N THR A 186 -4.45 13.74 23.73
CA THR A 186 -4.83 13.33 25.03
C THR A 186 -5.96 14.19 25.57
N GLN A 187 -5.66 15.45 25.80
CA GLN A 187 -6.64 16.32 26.37
C GLN A 187 -7.96 16.18 25.64
N ILE A 188 -7.91 16.21 24.31
CA ILE A 188 -9.15 16.21 23.56
C ILE A 188 -9.98 15.03 23.99
N VAL A 189 -9.48 13.85 23.68
CA VAL A 189 -10.15 12.62 23.99
C VAL A 189 -10.51 12.44 25.47
N ALA A 190 -9.66 12.91 26.37
CA ALA A 190 -9.92 12.78 27.79
C ALA A 190 -11.04 13.66 28.31
N ASN A 191 -10.97 14.96 28.03
CA ASN A 191 -11.92 15.92 28.64
C ASN A 191 -13.06 16.30 27.72
N TYR A 192 -12.92 16.04 26.44
CA TYR A 192 -14.02 16.22 25.49
C TYR A 192 -14.13 14.94 24.67
N GLY A 193 -15.33 14.49 24.45
CA GLY A 193 -15.47 13.28 23.65
C GLY A 193 -15.10 13.44 22.18
N LEU A 194 -15.14 12.34 21.46
CA LEU A 194 -14.83 12.32 20.06
C LEU A 194 -15.91 11.42 19.38
N ILE A 195 -16.70 12.00 18.50
CA ILE A 195 -17.74 11.24 17.78
C ILE A 195 -17.40 11.11 16.33
N CYS A 196 -17.18 9.89 15.88
CA CYS A 196 -16.66 9.65 14.55
C CYS A 196 -17.64 8.87 13.69
N VAL A 197 -18.24 9.49 12.68
CA VAL A 197 -19.15 8.72 11.83
C VAL A 197 -18.43 8.34 10.57
N THR A 198 -18.59 7.11 10.16
CA THR A 198 -17.77 6.60 9.11
C THR A 198 -18.44 5.51 8.38
N ARG A 199 -18.01 5.34 7.14
CA ARG A 199 -18.45 4.21 6.37
C ARG A 199 -17.46 3.15 6.71
N ALA A 200 -16.26 3.59 7.07
CA ALA A 200 -15.19 2.66 7.42
C ALA A 200 -15.12 2.41 8.91
N GLY A 201 -16.16 1.80 9.43
CA GLY A 201 -16.22 1.54 10.85
C GLY A 201 -15.00 0.78 11.35
N ASN A 202 -14.79 -0.42 10.83
CA ASN A 202 -13.71 -1.26 11.31
C ASN A 202 -12.39 -0.49 11.36
N ASP A 203 -11.93 -0.01 10.22
CA ASP A 203 -10.67 0.70 10.22
C ASP A 203 -10.58 1.63 11.43
N ALA A 204 -11.60 2.45 11.61
CA ALA A 204 -11.63 3.41 12.70
C ALA A 204 -11.39 2.71 14.01
N GLN A 205 -11.94 1.53 14.15
CA GLN A 205 -11.82 0.84 15.39
C GLN A 205 -10.48 0.14 15.56
N LYS A 206 -9.93 -0.39 14.49
CA LYS A 206 -8.56 -0.85 14.57
C LYS A 206 -7.74 0.36 15.00
N PHE A 207 -7.84 1.43 14.23
CA PHE A 207 -7.09 2.64 14.53
C PHE A 207 -7.05 2.92 16.03
N ILE A 208 -8.20 2.92 16.67
CA ILE A 208 -8.21 3.10 18.09
C ILE A 208 -7.43 1.97 18.79
N TYR A 209 -7.71 0.73 18.43
CA TYR A 209 -7.06 -0.42 19.08
C TYR A 209 -5.57 -0.26 18.99
N GLU A 210 -5.09 0.26 17.88
CA GLU A 210 -3.65 0.33 17.70
C GLU A 210 -2.95 1.47 18.46
N SER A 211 -3.69 2.26 19.22
CA SER A 211 -3.10 3.40 19.93
C SER A 211 -3.36 3.40 21.42
N ASP A 212 -2.30 3.35 22.20
CA ASP A 212 -2.44 3.33 23.64
C ASP A 212 -3.30 4.50 24.16
N VAL A 213 -3.02 5.70 23.69
CA VAL A 213 -3.71 6.89 24.13
C VAL A 213 -5.18 6.79 23.88
N LEU A 214 -5.54 6.50 22.65
CA LEU A 214 -6.93 6.43 22.28
C LEU A 214 -7.61 5.31 23.02
N TRP A 215 -7.02 4.12 22.96
CA TRP A 215 -7.64 2.99 23.61
C TRP A 215 -7.92 3.29 25.05
N LYS A 216 -6.97 3.91 25.71
CA LYS A 216 -7.15 4.20 27.12
C LYS A 216 -8.39 5.00 27.32
N HIS A 217 -8.67 5.94 26.43
CA HIS A 217 -9.88 6.73 26.59
C HIS A 217 -11.03 6.28 25.69
N ARG A 218 -10.99 5.03 25.26
CA ARG A 218 -11.96 4.56 24.32
C ARG A 218 -13.39 4.79 24.73
N SER A 219 -13.61 4.94 26.03
CA SER A 219 -14.98 5.06 26.51
C SER A 219 -15.53 6.43 26.17
N ASN A 220 -14.69 7.28 25.63
CA ASN A 220 -15.12 8.60 25.28
C ASN A 220 -15.09 8.80 23.79
N ILE A 221 -14.83 7.72 23.08
CA ILE A 221 -14.82 7.77 21.64
C ILE A 221 -15.91 6.91 21.11
N HIS A 222 -16.79 7.46 20.28
CA HIS A 222 -17.85 6.67 19.70
C HIS A 222 -17.77 6.56 18.18
N VAL A 223 -17.72 5.34 17.66
CA VAL A 223 -17.72 5.20 16.23
C VAL A 223 -19.08 4.96 15.71
N VAL A 224 -19.59 5.90 14.93
CA VAL A 224 -20.92 5.80 14.43
C VAL A 224 -20.95 5.31 13.00
N ASN A 225 -21.57 4.17 12.80
CA ASN A 225 -21.57 3.61 11.49
C ASN A 225 -22.57 4.26 10.53
N GLU A 226 -22.05 4.66 9.37
CA GLU A 226 -22.82 5.23 8.28
C GLU A 226 -23.32 4.16 7.29
N TRP A 227 -24.46 3.54 7.55
CA TRP A 227 -25.07 2.71 6.52
C TRP A 227 -25.66 3.72 5.53
N ILE A 228 -25.83 3.33 4.28
CA ILE A 228 -26.11 4.29 3.19
C ILE A 228 -24.93 5.22 2.99
N ALA A 229 -24.26 5.04 1.87
CA ALA A 229 -23.03 5.73 1.54
C ALA A 229 -23.14 7.24 1.32
N ASN A 230 -22.40 8.02 2.11
CA ASN A 230 -22.22 9.43 1.80
C ASN A 230 -21.08 9.58 0.80
N ASP A 231 -19.98 10.12 1.28
CA ASP A 231 -18.79 10.26 0.46
C ASP A 231 -18.79 11.45 -0.48
N ILE A 232 -19.70 12.40 -0.27
CA ILE A 232 -19.71 13.60 -1.09
C ILE A 232 -18.60 14.46 -0.58
N SER A 233 -17.37 14.17 -0.98
CA SER A 233 -16.22 14.90 -0.49
C SER A 233 -16.18 16.26 -1.10
N SER A 234 -15.72 17.24 -0.34
CA SER A 234 -15.55 18.55 -0.92
C SER A 234 -14.64 18.50 -2.14
N THR A 235 -13.51 17.81 -2.03
CA THR A 235 -12.67 17.65 -3.18
C THR A 235 -13.43 17.21 -4.40
N LYS A 236 -14.26 16.17 -4.29
CA LYS A 236 -15.00 15.72 -5.43
C LYS A 236 -15.84 16.87 -5.97
N ILE A 237 -16.50 17.59 -5.07
CA ILE A 237 -17.35 18.69 -5.48
C ILE A 237 -16.56 19.72 -6.24
N ARG A 238 -15.49 20.20 -5.63
CA ARG A 238 -14.69 21.22 -6.27
C ARG A 238 -14.35 20.78 -7.68
N ARG A 239 -13.79 19.59 -7.82
CA ARG A 239 -13.44 19.08 -9.13
C ARG A 239 -14.61 19.27 -10.07
N ALA A 240 -15.77 18.73 -9.70
CA ALA A 240 -16.93 18.84 -10.57
C ALA A 240 -17.07 20.26 -10.98
N LEU A 241 -17.22 21.14 -10.02
CA LEU A 241 -17.43 22.54 -10.29
C LEU A 241 -16.48 23.02 -11.35
N ARG A 242 -15.20 22.75 -11.16
CA ARG A 242 -14.19 23.17 -12.12
C ARG A 242 -14.56 22.72 -13.49
N ARG A 243 -15.17 21.56 -13.60
CA ARG A 243 -15.42 20.98 -14.91
C ARG A 243 -16.81 21.28 -15.45
N GLY A 244 -17.56 22.09 -14.73
CA GLY A 244 -18.87 22.48 -15.19
C GLY A 244 -19.88 21.35 -15.05
N GLN A 245 -19.67 20.47 -14.07
CA GLN A 245 -20.53 19.31 -13.91
C GLN A 245 -21.95 19.59 -13.36
N SER A 246 -22.20 19.39 -12.07
CA SER A 246 -23.57 19.53 -11.58
C SER A 246 -23.71 19.91 -10.12
N ILE A 247 -23.23 19.07 -9.22
CA ILE A 247 -23.31 19.47 -7.83
C ILE A 247 -24.74 19.44 -7.28
N ARG A 248 -25.71 19.74 -8.12
CA ARG A 248 -27.09 19.74 -7.68
C ARG A 248 -27.46 18.44 -6.95
N TYR A 249 -28.01 18.58 -5.77
CA TYR A 249 -28.41 17.43 -4.96
C TYR A 249 -27.27 16.82 -4.17
N LEU A 250 -26.07 17.38 -4.30
CA LEU A 250 -24.97 16.99 -3.43
C LEU A 250 -24.83 18.05 -2.33
N VAL A 251 -25.29 19.27 -2.62
CA VAL A 251 -25.23 20.37 -1.66
C VAL A 251 -26.60 21.03 -1.61
N PRO A 252 -26.88 21.74 -0.53
CA PRO A 252 -28.17 22.41 -0.38
C PRO A 252 -28.30 23.43 -1.46
N ASP A 253 -29.52 23.63 -1.95
CA ASP A 253 -29.80 24.54 -3.06
C ASP A 253 -29.26 25.98 -2.90
N LEU A 254 -29.60 26.64 -1.79
CA LEU A 254 -29.05 27.97 -1.55
C LEU A 254 -27.56 27.92 -1.72
N VAL A 255 -26.95 26.83 -1.30
CA VAL A 255 -25.53 26.72 -1.47
C VAL A 255 -25.20 26.67 -2.91
N GLN A 256 -25.74 25.69 -3.62
CA GLN A 256 -25.41 25.64 -5.03
C GLN A 256 -25.60 27.00 -5.67
N GLU A 257 -26.74 27.64 -5.44
CA GLU A 257 -26.98 28.95 -6.06
C GLU A 257 -25.89 29.93 -5.65
N TYR A 258 -25.54 29.96 -4.37
CA TYR A 258 -24.52 30.89 -3.95
C TYR A 258 -23.27 30.63 -4.77
N ILE A 259 -22.99 29.37 -5.01
CA ILE A 259 -21.80 28.98 -5.74
C ILE A 259 -21.89 29.35 -7.21
N GLU A 260 -23.02 29.08 -7.86
CA GLU A 260 -23.14 29.36 -9.27
C GLU A 260 -23.02 30.83 -9.51
N LYS A 261 -23.66 31.60 -8.65
CA LYS A 261 -23.64 33.04 -8.77
C LYS A 261 -22.45 33.57 -8.02
N HIS A 262 -21.24 33.34 -8.52
CA HIS A 262 -20.01 33.78 -7.85
C HIS A 262 -18.82 32.99 -8.34
N ASN A 263 -19.07 32.06 -9.23
CA ASN A 263 -18.03 31.20 -9.77
C ASN A 263 -16.94 30.97 -8.75
N LEU A 264 -17.29 30.46 -7.58
CA LEU A 264 -16.34 30.37 -6.50
C LEU A 264 -15.14 29.42 -6.67
N TYR A 265 -15.34 28.27 -7.33
CA TYR A 265 -14.23 27.34 -7.50
C TYR A 265 -13.78 27.31 -8.94
N SER A 266 -12.48 27.52 -9.14
CA SER A 266 -11.95 27.66 -10.49
C SER A 266 -10.75 26.78 -10.82
N SER A 267 -9.74 26.80 -9.97
CA SER A 267 -8.50 26.12 -10.29
C SER A 267 -7.40 27.12 -10.04
N GLU A 268 -7.68 28.38 -10.38
CA GLU A 268 -6.80 29.43 -9.95
C GLU A 268 -6.99 29.41 -8.44
N SER A 269 -8.22 29.15 -8.01
CA SER A 269 -8.53 28.97 -6.59
C SER A 269 -7.83 27.75 -5.96
N GLU A 270 -7.80 26.64 -6.69
CA GLU A 270 -7.21 25.43 -6.17
C GLU A 270 -5.72 25.59 -5.95
N ASP A 271 -5.12 26.54 -6.66
CA ASP A 271 -3.68 26.81 -6.53
C ASP A 271 -3.37 27.54 -5.23
N ARG A 272 -4.42 28.02 -4.55
CA ARG A 272 -4.24 28.76 -3.30
C ARG A 272 -3.44 28.00 -2.27
N ASN A 273 -2.49 28.72 -1.65
CA ASN A 273 -1.66 28.20 -0.56
C ASN A 273 -0.74 27.04 -0.92
N ALA A 274 -0.09 27.09 -2.09
CA ALA A 274 0.83 26.01 -2.49
C ALA A 274 2.14 25.97 -1.66
N GLY A 275 2.02 26.10 -0.33
CA GLY A 275 3.19 26.11 0.52
C GLY A 275 2.98 25.85 2.00
N VAL A 276 3.04 24.57 2.39
CA VAL A 276 3.02 24.11 3.80
C VAL A 276 1.98 24.71 4.74
N ILE A 277 1.09 23.85 5.26
CA ILE A 277 0.01 24.29 6.14
C ILE A 277 0.51 24.58 7.55
N LEU A 278 -0.36 25.06 8.43
CA LEU A 278 0.13 25.46 9.73
C LEU A 278 0.07 24.42 10.82
N ALA A 279 0.34 23.19 10.44
CA ALA A 279 0.50 22.12 11.42
C ALA A 279 1.92 22.19 11.94
N PRO A 280 2.90 22.17 11.05
CA PRO A 280 4.31 22.38 11.40
C PRO A 280 4.55 23.49 12.43
N LEU A 281 3.66 23.58 13.40
CA LEU A 281 3.82 24.49 14.55
C LEU A 281 4.04 25.92 14.12
N GLN A 282 4.16 26.19 12.92
N LYS B 17 15.66 -42.56 6.10
CA LYS B 17 14.50 -41.66 6.34
C LYS B 17 14.92 -40.20 6.57
N THR B 18 16.10 -39.99 7.15
CA THR B 18 16.61 -38.63 7.39
C THR B 18 16.02 -38.02 8.66
N GLU B 19 16.72 -38.16 9.78
CA GLU B 19 16.27 -37.55 11.01
C GLU B 19 16.45 -36.06 10.89
N VAL B 20 15.57 -35.31 11.54
CA VAL B 20 15.62 -33.86 11.46
C VAL B 20 15.52 -33.19 12.84
N VAL B 21 16.12 -32.02 12.96
CA VAL B 21 16.03 -31.26 14.18
C VAL B 21 15.63 -29.86 13.81
N LEU B 22 14.49 -29.42 14.34
CA LEU B 22 13.94 -28.12 14.00
C LEU B 22 14.51 -26.99 14.86
N LEU B 23 15.21 -26.05 14.23
CA LEU B 23 15.77 -24.94 14.94
C LEU B 23 14.95 -23.67 14.70
N ALA B 24 14.55 -23.01 15.78
CA ALA B 24 13.80 -21.80 15.65
C ALA B 24 14.49 -20.63 16.32
N CYS B 25 15.14 -19.76 15.55
CA CYS B 25 15.73 -18.58 16.14
C CYS B 25 14.66 -17.53 16.10
N GLY B 26 14.60 -16.69 17.12
CA GLY B 26 13.62 -15.63 17.19
C GLY B 26 13.72 -14.86 18.49
N SER B 27 13.29 -13.61 18.47
CA SER B 27 13.33 -12.81 19.68
C SER B 27 12.63 -13.49 20.80
N PHE B 28 11.59 -14.24 20.50
CA PHE B 28 10.83 -14.90 21.54
C PHE B 28 10.61 -14.00 22.72
N ASN B 29 10.21 -12.76 22.43
CA ASN B 29 9.65 -11.96 23.48
C ASN B 29 8.58 -12.92 23.92
N PRO B 30 7.53 -12.48 24.57
CA PRO B 30 6.69 -13.47 25.25
C PRO B 30 6.48 -14.62 24.30
N ILE B 31 6.98 -15.79 24.64
CA ILE B 31 6.77 -16.96 23.84
C ILE B 31 5.29 -17.17 23.99
N THR B 32 4.64 -17.73 23.01
CA THR B 32 3.21 -17.87 23.13
C THR B 32 2.80 -19.15 22.51
N ASN B 33 1.56 -19.56 22.77
CA ASN B 33 1.07 -20.81 22.24
C ASN B 33 1.36 -20.93 20.76
N MSE B 34 1.33 -19.82 20.05
CA MSE B 34 1.67 -19.86 18.63
C MSE B 34 3.02 -20.52 18.45
O MSE B 34 3.13 -21.56 17.76
CB MSE B 34 1.69 -18.45 18.03
CG MSE B 34 2.58 -18.29 16.78
SE MSE B 34 2.88 -16.39 16.32
CE MSE B 34 1.46 -16.19 15.10
N HIS B 35 4.04 -19.94 19.07
CA HIS B 35 5.38 -20.46 18.90
C HIS B 35 5.39 -21.93 19.10
N LEU B 36 4.67 -22.36 20.13
CA LEU B 36 4.69 -23.74 20.42
C LEU B 36 3.96 -24.52 19.32
N ARG B 37 2.83 -24.01 18.88
CA ARG B 37 2.10 -24.70 17.83
C ARG B 37 2.91 -24.83 16.55
N LEU B 38 3.68 -23.79 16.19
CA LEU B 38 4.49 -23.92 14.99
C LEU B 38 5.25 -25.25 15.00
N PHE B 39 5.93 -25.57 16.10
CA PHE B 39 6.65 -26.84 16.19
C PHE B 39 5.71 -28.00 16.01
N GLU B 40 4.55 -27.93 16.63
CA GLU B 40 3.66 -29.02 16.44
C GLU B 40 3.30 -29.15 14.94
N LEU B 41 3.03 -28.02 14.28
CA LEU B 41 2.68 -28.07 12.87
C LEU B 41 3.83 -28.59 12.02
N ALA B 42 5.00 -27.94 12.14
CA ALA B 42 6.17 -28.35 11.42
C ALA B 42 6.38 -29.86 11.46
N LYS B 43 6.34 -30.43 12.66
CA LYS B 43 6.62 -31.83 12.82
C LYS B 43 5.61 -32.67 12.08
N ASP B 44 4.33 -32.49 12.39
CA ASP B 44 3.30 -33.28 11.72
C ASP B 44 3.51 -33.30 10.21
N TYR B 45 3.94 -32.17 9.65
CA TYR B 45 4.23 -32.10 8.23
C TYR B 45 5.33 -33.07 7.84
N MSE B 46 6.55 -32.77 8.25
CA MSE B 46 7.70 -33.58 7.91
C MSE B 46 7.39 -35.04 8.10
O MSE B 46 7.49 -35.84 7.16
CB MSE B 46 8.90 -33.19 8.78
CG MSE B 46 9.29 -31.73 8.69
SE MSE B 46 9.96 -31.14 6.94
CE MSE B 46 11.71 -31.93 6.98
N ASN B 47 7.01 -35.42 9.31
CA ASN B 47 6.71 -36.82 9.58
C ASN B 47 5.68 -37.35 8.62
N GLY B 48 4.71 -36.53 8.28
CA GLY B 48 3.64 -36.94 7.38
C GLY B 48 4.01 -36.99 5.92
N THR B 49 5.27 -36.70 5.61
CA THR B 49 5.74 -36.74 4.24
C THR B 49 6.34 -38.10 3.96
N GLY B 50 6.81 -38.78 5.00
CA GLY B 50 7.39 -40.10 4.85
C GLY B 50 8.88 -40.04 4.64
N ARG B 51 9.35 -38.97 4.04
CA ARG B 51 10.77 -38.81 3.77
C ARG B 51 11.54 -38.28 4.99
N TYR B 52 10.90 -38.23 6.15
CA TYR B 52 11.49 -37.55 7.29
C TYR B 52 11.05 -38.08 8.65
N THR B 53 11.83 -37.77 9.66
CA THR B 53 11.53 -38.14 11.04
C THR B 53 12.03 -37.05 11.99
N VAL B 54 11.11 -36.32 12.59
CA VAL B 54 11.50 -35.20 13.42
C VAL B 54 11.97 -35.69 14.77
N VAL B 55 13.25 -35.44 15.06
CA VAL B 55 13.87 -35.98 16.25
C VAL B 55 13.80 -35.05 17.47
N LYS B 56 14.10 -33.78 17.28
CA LYS B 56 13.98 -32.83 18.35
C LYS B 56 13.81 -31.39 17.85
N GLY B 57 13.21 -30.56 18.69
CA GLY B 57 13.03 -29.15 18.38
C GLY B 57 13.77 -28.26 19.36
N ILE B 58 14.41 -27.22 18.84
CA ILE B 58 15.21 -26.33 19.65
C ILE B 58 14.74 -24.90 19.59
N ILE B 59 14.53 -24.27 20.72
CA ILE B 59 14.15 -22.88 20.72
C ILE B 59 15.37 -22.08 21.12
N SER B 60 15.79 -21.15 20.31
CA SER B 60 17.01 -20.43 20.60
C SER B 60 16.82 -18.93 20.69
N PRO B 61 16.45 -18.38 21.86
CA PRO B 61 16.16 -16.96 21.95
C PRO B 61 17.32 -16.10 21.56
N VAL B 62 17.05 -14.91 21.02
CA VAL B 62 18.11 -13.98 20.57
C VAL B 62 18.83 -13.41 21.73
N GLY B 63 20.06 -13.03 21.50
CA GLY B 63 20.82 -12.34 22.51
C GLY B 63 20.33 -10.91 22.67
N ASP B 64 20.77 -10.24 23.72
CA ASP B 64 20.38 -8.88 23.93
C ASP B 64 21.07 -7.92 22.95
N ALA B 65 22.21 -8.36 22.42
CA ALA B 65 22.96 -7.58 21.43
C ALA B 65 22.17 -7.26 20.16
N TYR B 66 21.17 -8.07 19.84
CA TYR B 66 20.36 -7.83 18.65
C TYR B 66 19.84 -6.42 18.65
N LYS B 67 19.57 -5.94 19.85
CA LYS B 67 19.11 -4.57 20.08
C LYS B 67 17.90 -4.16 19.29
N LYS B 68 16.85 -4.97 19.37
CA LYS B 68 15.57 -4.66 18.76
C LYS B 68 14.70 -3.91 19.76
N LYS B 69 13.78 -3.12 19.26
CA LYS B 69 12.94 -2.32 20.12
C LYS B 69 12.14 -3.19 21.08
N GLY B 70 11.98 -2.72 22.31
CA GLY B 70 11.18 -3.42 23.30
C GLY B 70 11.65 -4.83 23.63
N LEU B 71 12.90 -5.15 23.31
CA LEU B 71 13.40 -6.46 23.62
C LEU B 71 13.89 -6.49 25.04
N ILE B 72 13.13 -7.07 25.94
CA ILE B 72 13.59 -7.19 27.31
C ILE B 72 14.75 -8.19 27.41
N PRO B 73 15.45 -8.16 28.55
CA PRO B 73 16.71 -8.90 28.72
C PRO B 73 16.56 -10.39 28.50
N ALA B 74 17.57 -10.97 27.86
CA ALA B 74 17.57 -12.39 27.59
C ALA B 74 17.11 -13.27 28.75
N TYR B 75 17.51 -12.95 29.96
CA TYR B 75 17.21 -13.86 31.05
C TYR B 75 15.77 -14.24 31.13
N HIS B 76 14.91 -13.23 31.01
CA HIS B 76 13.48 -13.44 31.06
C HIS B 76 13.02 -14.25 29.84
N ARG B 77 13.56 -13.93 28.68
CA ARG B 77 13.18 -14.66 27.50
C ARG B 77 13.55 -16.12 27.60
N VAL B 78 14.78 -16.38 28.01
CA VAL B 78 15.25 -17.74 28.12
C VAL B 78 14.40 -18.49 29.10
N ILE B 79 14.20 -17.92 30.28
CA ILE B 79 13.44 -18.66 31.28
C ILE B 79 12.00 -18.96 30.84
N MSE B 80 11.33 -17.93 30.33
CA MSE B 80 9.95 -18.10 29.95
C MSE B 80 9.82 -19.25 28.99
O MSE B 80 8.93 -20.06 29.13
CB MSE B 80 9.36 -16.80 29.40
CG MSE B 80 8.79 -15.90 30.46
SE MSE B 80 7.76 -14.43 29.74
CE MSE B 80 9.08 -13.59 29.16
N ALA B 81 10.75 -19.32 28.02
CA ALA B 81 10.75 -20.40 27.04
C ALA B 81 10.87 -21.73 27.74
N GLU B 82 11.87 -21.86 28.59
CA GLU B 82 12.01 -23.09 29.33
C GLU B 82 10.69 -23.44 30.05
N LEU B 83 10.12 -22.52 30.81
CA LEU B 83 8.86 -22.85 31.46
C LEU B 83 7.88 -23.33 30.40
N ALA B 84 7.78 -22.56 29.33
CA ALA B 84 6.94 -22.90 28.22
C ALA B 84 7.14 -24.32 27.71
N THR B 85 8.34 -24.85 27.83
CA THR B 85 8.64 -26.14 27.24
C THR B 85 8.85 -27.22 28.27
N LYS B 86 8.83 -26.84 29.53
CA LYS B 86 9.02 -27.79 30.60
C LYS B 86 8.29 -29.10 30.35
N ASN B 87 7.05 -29.02 29.87
CA ASN B 87 6.22 -30.20 29.64
C ASN B 87 6.25 -30.77 28.22
N SER B 88 7.33 -30.55 27.49
CA SER B 88 7.38 -31.09 26.16
C SER B 88 8.42 -32.18 26.10
N LYS B 89 8.11 -33.23 25.35
CA LYS B 89 9.01 -34.36 25.25
C LYS B 89 10.07 -34.13 24.21
N TRP B 90 9.89 -33.14 23.34
CA TRP B 90 10.79 -33.05 22.21
C TRP B 90 11.29 -31.67 21.88
N VAL B 91 10.68 -30.64 22.47
CA VAL B 91 11.11 -29.29 22.23
C VAL B 91 11.86 -28.77 23.46
N GLU B 92 13.12 -28.43 23.29
CA GLU B 92 13.94 -27.93 24.39
C GLU B 92 14.51 -26.58 24.03
N VAL B 93 14.81 -25.74 25.03
CA VAL B 93 15.45 -24.45 24.77
C VAL B 93 16.94 -24.63 24.54
N ASP B 94 17.62 -23.57 24.15
CA ASP B 94 19.06 -23.60 24.00
C ASP B 94 19.66 -22.23 24.10
N THR B 95 20.57 -22.07 25.04
CA THR B 95 21.00 -20.76 25.40
C THR B 95 22.29 -20.26 24.78
N TRP B 96 22.92 -21.07 23.93
CA TRP B 96 24.19 -20.71 23.29
C TRP B 96 24.23 -19.33 22.72
N GLU B 97 23.17 -18.95 22.03
CA GLU B 97 23.13 -17.70 21.34
C GLU B 97 22.91 -16.53 22.28
N SER B 98 22.05 -16.71 23.27
CA SER B 98 21.76 -15.63 24.20
C SER B 98 22.98 -15.21 25.03
N LEU B 99 23.99 -16.09 25.07
CA LEU B 99 25.17 -15.83 25.88
C LEU B 99 26.26 -15.06 25.14
N GLN B 100 26.39 -15.28 23.82
CA GLN B 100 27.40 -14.59 23.02
C GLN B 100 27.41 -13.09 23.26
N LYS B 101 28.60 -12.50 23.15
CA LYS B 101 28.78 -11.09 23.42
C LYS B 101 28.24 -10.28 22.28
N GLU B 102 28.40 -10.82 21.08
CA GLU B 102 28.01 -10.14 19.86
C GLU B 102 26.82 -10.82 19.22
N TRP B 103 25.94 -10.06 18.60
CA TRP B 103 24.77 -10.68 17.97
C TRP B 103 25.28 -11.69 16.98
N LYS B 104 24.52 -12.75 16.80
CA LYS B 104 24.96 -13.81 15.92
C LYS B 104 24.04 -13.97 14.72
N GLU B 105 24.63 -14.02 13.54
CA GLU B 105 23.91 -14.23 12.29
C GLU B 105 23.29 -15.60 12.36
N THR B 106 22.05 -15.71 11.90
CA THR B 106 21.35 -16.99 11.96
C THR B 106 22.15 -18.10 11.30
N LEU B 107 22.87 -17.76 10.24
CA LEU B 107 23.65 -18.79 9.59
C LEU B 107 24.65 -19.36 10.56
N LYS B 108 25.25 -18.52 11.38
CA LYS B 108 26.23 -19.04 12.33
C LYS B 108 25.58 -19.96 13.34
N VAL B 109 24.38 -19.58 13.80
CA VAL B 109 23.65 -20.38 14.78
C VAL B 109 23.30 -21.73 14.19
N LEU B 110 22.90 -21.75 12.92
CA LEU B 110 22.54 -23.00 12.24
C LEU B 110 23.75 -23.87 12.22
N ARG B 111 24.87 -23.30 11.77
CA ARG B 111 26.13 -24.00 11.68
C ARG B 111 26.49 -24.60 13.05
N HIS B 112 26.54 -23.75 14.06
CA HIS B 112 26.82 -24.20 15.39
C HIS B 112 26.09 -25.48 15.70
N HIS B 113 24.77 -25.43 15.74
CA HIS B 113 24.01 -26.62 16.10
C HIS B 113 24.24 -27.81 15.22
N GLN B 114 24.49 -27.56 13.95
CA GLN B 114 24.79 -28.65 13.05
C GLN B 114 26.13 -29.24 13.46
N GLU B 115 27.14 -28.40 13.60
CA GLU B 115 28.44 -28.90 14.02
C GLU B 115 28.35 -29.64 15.34
N LYS B 116 27.60 -29.10 16.31
CA LYS B 116 27.45 -29.79 17.58
C LYS B 116 26.87 -31.19 17.35
N LEU B 117 25.89 -31.33 16.47
CA LEU B 117 25.33 -32.65 16.18
C LEU B 117 26.40 -33.59 15.63
N GLU B 118 27.32 -33.06 14.84
CA GLU B 118 28.38 -33.87 14.26
C GLU B 118 29.49 -34.19 15.29
N ALA B 119 29.11 -34.21 16.57
CA ALA B 119 30.04 -34.51 17.64
C ALA B 119 29.35 -35.39 18.69
N ALA B 158 23.85 -41.64 10.42
CA ALA B 158 23.35 -41.02 11.65
C ALA B 158 23.80 -39.56 11.80
N VAL B 159 23.24 -38.68 10.97
CA VAL B 159 23.51 -37.26 11.05
C VAL B 159 22.22 -36.50 10.80
N PRO B 160 21.56 -36.09 11.86
CA PRO B 160 20.30 -35.37 11.75
C PRO B 160 20.55 -34.02 11.10
N LYS B 161 19.76 -33.70 10.08
CA LYS B 161 19.92 -32.41 9.43
C LYS B 161 19.19 -31.38 10.26
N VAL B 162 19.85 -30.28 10.54
CA VAL B 162 19.22 -29.20 11.23
C VAL B 162 18.48 -28.40 10.18
N LYS B 163 17.29 -27.93 10.50
CA LYS B 163 16.53 -27.13 9.55
C LYS B 163 15.92 -25.94 10.24
N LEU B 164 15.89 -24.79 9.55
CA LEU B 164 15.40 -23.55 10.13
C LEU B 164 13.89 -23.47 10.18
N LEU B 165 13.32 -23.38 11.38
CA LEU B 165 11.87 -23.27 11.53
C LEU B 165 11.54 -21.83 11.43
N CYS B 166 10.40 -21.48 10.88
CA CYS B 166 10.22 -20.12 10.49
C CYS B 166 8.78 -19.75 10.14
N GLY B 167 8.43 -18.47 10.29
CA GLY B 167 7.15 -17.95 9.83
C GLY B 167 7.39 -17.12 8.58
N ALA B 168 6.36 -16.43 8.06
CA ALA B 168 6.48 -15.66 6.83
C ALA B 168 7.36 -14.45 6.98
N ASP B 169 7.13 -13.67 8.03
CA ASP B 169 7.91 -12.46 8.28
C ASP B 169 9.40 -12.64 8.04
N LEU B 170 10.04 -13.48 8.84
CA LEU B 170 11.46 -13.82 8.67
C LEU B 170 11.74 -14.02 7.18
N LEU B 171 11.11 -15.03 6.58
CA LEU B 171 11.23 -15.26 5.14
C LEU B 171 11.18 -13.97 4.37
N GLU B 172 10.05 -13.29 4.43
CA GLU B 172 9.88 -12.07 3.64
C GLU B 172 10.92 -11.00 3.97
N SER B 173 11.53 -11.08 5.14
CA SER B 173 12.53 -10.08 5.49
C SER B 173 13.84 -10.31 4.74
N PHE B 174 13.95 -11.42 4.03
CA PHE B 174 15.13 -11.64 3.20
C PHE B 174 15.27 -10.55 2.16
N ALA B 175 14.23 -9.75 2.00
CA ALA B 175 14.24 -8.74 0.98
C ALA B 175 14.56 -7.36 1.55
N VAL B 176 14.50 -7.20 2.86
CA VAL B 176 14.87 -5.92 3.44
C VAL B 176 16.33 -5.66 3.10
N PRO B 177 16.61 -4.44 2.65
CA PRO B 177 17.98 -4.06 2.28
C PRO B 177 18.94 -4.16 3.46
N ASN B 178 20.04 -4.85 3.27
CA ASN B 178 21.11 -4.88 4.27
C ASN B 178 20.83 -5.74 5.50
N LEU B 179 19.65 -6.31 5.58
CA LEU B 179 19.33 -7.12 6.74
C LEU B 179 19.98 -8.49 6.65
N TRP B 180 20.21 -8.96 5.43
CA TRP B 180 20.79 -10.27 5.23
C TRP B 180 21.92 -10.26 4.22
N LYS B 181 22.92 -11.08 4.45
CA LYS B 181 23.97 -11.19 3.46
C LYS B 181 23.53 -12.19 2.40
N SER B 182 23.35 -11.69 1.18
CA SER B 182 22.91 -12.53 0.06
C SER B 182 23.43 -13.97 0.16
N GLU B 183 24.74 -14.12 0.29
CA GLU B 183 25.34 -15.45 0.38
C GLU B 183 24.89 -16.19 1.64
N ASP B 184 24.55 -15.46 2.69
CA ASP B 184 24.00 -16.10 3.87
C ASP B 184 22.70 -16.80 3.51
N ILE B 185 21.76 -16.07 2.91
CA ILE B 185 20.52 -16.70 2.48
C ILE B 185 20.87 -17.94 1.71
N THR B 186 21.69 -17.76 0.68
CA THR B 186 22.07 -18.88 -0.13
C THR B 186 22.54 -20.03 0.71
N GLN B 187 23.63 -19.85 1.44
CA GLN B 187 24.10 -20.96 2.23
C GLN B 187 22.97 -21.56 3.03
N ILE B 188 22.21 -20.73 3.71
CA ILE B 188 21.13 -21.22 4.55
C ILE B 188 20.29 -22.20 3.78
N VAL B 189 19.56 -21.69 2.79
CA VAL B 189 18.67 -22.49 1.98
C VAL B 189 19.36 -23.69 1.35
N ALA B 190 20.61 -23.52 0.93
CA ALA B 190 21.33 -24.61 0.26
C ALA B 190 21.70 -25.75 1.17
N ASN B 191 22.37 -25.44 2.27
CA ASN B 191 22.92 -26.48 3.12
C ASN B 191 22.05 -26.86 4.33
N TYR B 192 21.11 -26.00 4.65
CA TYR B 192 20.15 -26.25 5.72
C TYR B 192 18.80 -25.88 5.17
N GLY B 193 17.81 -26.72 5.38
CA GLY B 193 16.48 -26.42 4.89
C GLY B 193 15.82 -25.20 5.55
N LEU B 194 14.63 -24.89 5.10
CA LEU B 194 13.88 -23.78 5.65
C LEU B 194 12.44 -24.22 5.70
N ILE B 195 11.85 -24.32 6.90
CA ILE B 195 10.45 -24.75 6.99
C ILE B 195 9.63 -23.61 7.50
N CYS B 196 8.65 -23.20 6.73
CA CYS B 196 7.94 -21.99 7.03
C CYS B 196 6.47 -22.26 7.18
N VAL B 197 5.93 -22.05 8.38
CA VAL B 197 4.53 -22.34 8.59
C VAL B 197 3.79 -21.05 8.59
N THR B 198 2.72 -20.96 7.81
CA THR B 198 1.95 -19.71 7.76
C THR B 198 0.56 -19.85 7.45
N ARG B 199 -0.11 -18.76 7.73
CA ARG B 199 -1.50 -18.62 7.47
C ARG B 199 -1.58 -18.11 6.04
N ALA B 200 -0.52 -17.40 5.64
CA ALA B 200 -0.36 -16.83 4.31
C ALA B 200 0.46 -17.74 3.38
N GLY B 201 -0.09 -18.90 3.07
CA GLY B 201 0.59 -19.81 2.18
C GLY B 201 1.02 -19.15 0.89
N ASN B 202 0.04 -18.72 0.08
CA ASN B 202 0.35 -18.20 -1.25
C ASN B 202 1.44 -17.13 -1.22
N ASP B 203 1.20 -16.06 -0.48
CA ASP B 203 2.22 -15.03 -0.34
C ASP B 203 3.59 -15.65 -0.23
N ALA B 204 3.75 -16.55 0.73
CA ALA B 204 5.03 -17.19 0.94
C ALA B 204 5.48 -17.83 -0.34
N GLN B 205 4.58 -18.52 -1.02
CA GLN B 205 4.99 -19.18 -2.23
C GLN B 205 5.37 -18.19 -3.36
N LYS B 206 4.56 -17.16 -3.53
CA LYS B 206 4.92 -16.10 -4.45
C LYS B 206 6.33 -15.65 -4.11
N PHE B 207 6.50 -15.19 -2.88
CA PHE B 207 7.81 -14.71 -2.45
C PHE B 207 8.93 -15.63 -2.96
N ILE B 208 8.72 -16.92 -2.86
CA ILE B 208 9.70 -17.86 -3.33
C ILE B 208 9.81 -17.67 -4.82
N TYR B 209 8.68 -17.81 -5.53
CA TYR B 209 8.63 -17.65 -6.98
C TYR B 209 9.40 -16.41 -7.37
N GLU B 210 9.23 -15.38 -6.57
CA GLU B 210 9.74 -14.09 -6.91
C GLU B 210 11.27 -13.95 -6.78
N SER B 211 11.95 -15.00 -6.31
CA SER B 211 13.40 -14.88 -6.13
C SER B 211 14.25 -16.02 -6.71
N ASP B 212 15.24 -15.63 -7.52
CA ASP B 212 16.10 -16.61 -8.16
C ASP B 212 16.73 -17.55 -7.14
N VAL B 213 17.32 -16.95 -6.12
CA VAL B 213 18.02 -17.71 -5.10
C VAL B 213 17.12 -18.73 -4.44
N LEU B 214 16.01 -18.26 -3.91
CA LEU B 214 15.13 -19.17 -3.23
C LEU B 214 14.62 -20.20 -4.23
N TRP B 215 14.06 -19.74 -5.33
CA TRP B 215 13.48 -20.67 -6.28
C TRP B 215 14.46 -21.77 -6.58
N LYS B 216 15.71 -21.39 -6.83
CA LYS B 216 16.74 -22.33 -7.16
C LYS B 216 16.77 -23.47 -6.14
N HIS B 217 16.68 -23.13 -4.87
CA HIS B 217 16.77 -24.16 -3.86
C HIS B 217 15.41 -24.47 -3.27
N ARG B 218 14.38 -24.22 -4.05
CA ARG B 218 13.02 -24.47 -3.63
C ARG B 218 12.81 -25.84 -2.99
N SER B 219 13.55 -26.84 -3.43
CA SER B 219 13.32 -28.21 -2.99
C SER B 219 13.78 -28.41 -1.58
N ASN B 220 14.41 -27.38 -1.01
CA ASN B 220 14.71 -27.43 0.42
C ASN B 220 13.92 -26.41 1.24
N ILE B 221 12.88 -25.87 0.65
CA ILE B 221 12.00 -24.96 1.35
C ILE B 221 10.59 -25.52 1.35
N HIS B 222 10.02 -25.78 2.51
CA HIS B 222 8.66 -26.26 2.57
C HIS B 222 7.75 -25.24 3.21
N VAL B 223 6.64 -24.97 2.58
CA VAL B 223 5.69 -24.07 3.18
C VAL B 223 4.57 -24.87 3.82
N VAL B 224 4.45 -24.77 5.13
CA VAL B 224 3.41 -25.52 5.79
C VAL B 224 2.22 -24.65 6.05
N ASN B 225 1.06 -25.09 5.58
CA ASN B 225 -0.11 -24.26 5.75
C ASN B 225 -0.69 -24.40 7.12
N GLU B 226 -1.02 -23.29 7.72
CA GLU B 226 -1.64 -23.33 9.02
C GLU B 226 -3.12 -23.14 8.90
N TRP B 227 -3.86 -24.22 8.68
CA TRP B 227 -5.30 -24.17 8.84
C TRP B 227 -5.53 -23.93 10.35
N ILE B 228 -6.66 -23.35 10.72
CA ILE B 228 -6.89 -22.84 12.12
C ILE B 228 -5.94 -21.65 12.41
N ALA B 229 -6.48 -20.45 12.45
CA ALA B 229 -5.67 -19.24 12.65
C ALA B 229 -4.94 -19.13 14.01
N ASN B 230 -3.63 -18.96 13.96
CA ASN B 230 -2.87 -18.65 15.16
C ASN B 230 -2.86 -17.15 15.26
N ASP B 231 -1.74 -16.52 14.95
CA ASP B 231 -1.66 -15.07 14.92
C ASP B 231 -1.50 -14.43 16.29
N ILE B 232 -1.25 -15.21 17.34
CA ILE B 232 -0.96 -14.58 18.63
C ILE B 232 0.43 -14.02 18.57
N SER B 233 0.57 -12.82 18.03
CA SER B 233 1.84 -12.19 17.89
C SER B 233 2.31 -11.73 19.23
N SER B 234 3.62 -11.68 19.38
CA SER B 234 4.21 -11.17 20.60
C SER B 234 3.75 -9.73 20.79
N THR B 235 3.83 -8.96 19.73
CA THR B 235 3.36 -7.60 19.77
C THR B 235 2.01 -7.53 20.43
N LYS B 236 1.02 -8.23 19.88
CA LYS B 236 -0.32 -8.14 20.45
C LYS B 236 -0.31 -8.44 21.96
N ILE B 237 0.40 -9.49 22.35
CA ILE B 237 0.40 -9.84 23.74
C ILE B 237 1.04 -8.75 24.60
N ARG B 238 2.18 -8.20 24.15
CA ARG B 238 2.83 -7.09 24.90
C ARG B 238 1.77 -6.05 25.17
N ARG B 239 1.15 -5.60 24.06
CA ARG B 239 0.14 -4.55 24.07
C ARG B 239 -0.83 -4.85 25.17
N ALA B 240 -1.41 -6.05 25.12
CA ALA B 240 -2.44 -6.43 26.04
C ALA B 240 -1.95 -6.23 27.45
N LEU B 241 -0.81 -6.87 27.74
CA LEU B 241 -0.20 -6.80 29.03
C LEU B 241 -0.17 -5.38 29.47
N ARG B 242 0.35 -4.54 28.59
CA ARG B 242 0.47 -3.11 28.84
C ARG B 242 -0.81 -2.53 29.35
N ARG B 243 -1.94 -2.97 28.80
CA ARG B 243 -3.22 -2.39 29.18
C ARG B 243 -4.04 -3.23 30.19
N GLY B 244 -3.38 -4.19 30.85
CA GLY B 244 -4.02 -4.97 31.87
C GLY B 244 -5.10 -5.85 31.33
N GLN B 245 -4.95 -6.34 30.09
CA GLN B 245 -5.99 -7.19 29.49
C GLN B 245 -6.03 -8.61 30.06
N SER B 246 -5.47 -9.61 29.38
CA SER B 246 -5.60 -10.96 29.88
C SER B 246 -4.52 -11.96 29.54
N ILE B 247 -4.27 -12.18 28.26
CA ILE B 247 -3.17 -13.07 27.95
C ILE B 247 -3.49 -14.55 28.26
N ARG B 248 -4.32 -14.81 29.25
CA ARG B 248 -4.63 -16.19 29.58
C ARG B 248 -5.17 -17.00 28.40
N TYR B 249 -4.60 -18.18 28.20
CA TYR B 249 -4.94 -19.07 27.11
C TYR B 249 -4.25 -18.74 25.82
N LEU B 250 -3.45 -17.67 25.80
CA LEU B 250 -2.72 -17.37 24.61
C LEU B 250 -1.30 -17.81 24.84
N VAL B 251 -0.91 -17.90 26.10
CA VAL B 251 0.44 -18.34 26.47
C VAL B 251 0.30 -19.41 27.51
N PRO B 252 1.31 -20.25 27.68
CA PRO B 252 1.27 -21.31 28.67
C PRO B 252 1.19 -20.73 30.05
N ASP B 253 0.44 -21.37 30.96
CA ASP B 253 0.20 -20.83 32.32
C ASP B 253 1.45 -20.44 33.09
N LEU B 254 2.38 -21.38 33.20
CA LEU B 254 3.64 -21.11 33.87
C LEU B 254 4.19 -19.81 33.33
N VAL B 255 4.01 -19.58 32.03
CA VAL B 255 4.48 -18.32 31.48
C VAL B 255 3.66 -17.16 32.01
N GLN B 256 2.36 -17.27 31.88
CA GLN B 256 1.45 -16.24 32.34
C GLN B 256 1.84 -15.86 33.74
N GLU B 257 1.94 -16.89 34.58
CA GLU B 257 2.34 -16.72 35.97
C GLU B 257 3.68 -16.02 36.10
N TYR B 258 4.69 -16.49 35.39
CA TYR B 258 5.96 -15.84 35.51
C TYR B 258 5.85 -14.38 35.08
N ILE B 259 4.97 -14.11 34.13
CA ILE B 259 4.79 -12.75 33.66
C ILE B 259 4.14 -11.91 34.71
N GLU B 260 2.99 -12.36 35.21
CA GLU B 260 2.26 -11.51 36.16
C GLU B 260 3.00 -11.27 37.47
N LYS B 261 3.78 -12.25 37.91
CA LYS B 261 4.63 -12.06 39.07
C LYS B 261 5.96 -11.61 38.57
N HIS B 262 6.08 -10.34 38.19
CA HIS B 262 7.33 -9.81 37.64
C HIS B 262 7.02 -8.61 36.73
N ASN B 263 5.74 -8.26 36.60
CA ASN B 263 5.30 -7.23 35.65
C ASN B 263 6.34 -6.94 34.60
N LEU B 264 6.56 -7.92 33.74
CA LEU B 264 7.62 -7.92 32.74
C LEU B 264 7.47 -6.84 31.66
N TYR B 265 6.26 -6.64 31.19
CA TYR B 265 6.06 -5.71 30.10
C TYR B 265 5.32 -4.44 30.54
N SER B 266 5.89 -3.29 30.19
CA SER B 266 5.42 -2.04 30.75
C SER B 266 5.15 -1.02 29.71
N SER B 267 6.20 -0.64 28.98
CA SER B 267 6.14 0.48 28.05
C SER B 267 7.45 1.20 28.22
N GLU B 268 7.87 1.32 29.48
CA GLU B 268 9.22 1.77 29.74
C GLU B 268 10.04 0.69 29.04
N SER B 269 9.58 -0.55 29.16
CA SER B 269 10.23 -1.67 28.53
C SER B 269 10.13 -1.57 27.00
N GLU B 270 8.98 -1.15 26.50
CA GLU B 270 8.81 -1.06 25.06
C GLU B 270 9.76 -0.03 24.46
N ASP B 271 10.19 0.93 25.27
CA ASP B 271 11.10 1.98 24.80
C ASP B 271 12.53 1.48 24.61
N ARG B 272 12.81 0.28 25.12
CA ARG B 272 14.14 -0.30 25.02
C ARG B 272 14.68 -0.30 23.61
N ASN B 273 15.94 0.06 23.46
CA ASN B 273 16.65 0.01 22.19
C ASN B 273 16.10 0.92 21.10
N ALA B 274 15.70 2.14 21.45
CA ALA B 274 15.18 3.04 20.42
C ALA B 274 16.30 3.57 19.50
N GLY B 275 17.15 2.69 18.98
CA GLY B 275 18.23 3.10 18.10
C GLY B 275 18.92 2.00 17.29
N VAL B 276 18.42 1.73 16.09
CA VAL B 276 19.09 0.88 15.08
C VAL B 276 19.50 -0.52 15.52
N ILE B 277 18.88 -1.54 14.92
CA ILE B 277 19.21 -2.93 15.23
C ILE B 277 20.56 -3.37 14.64
N LEU B 278 20.98 -4.58 14.97
CA LEU B 278 22.30 -5.07 14.56
C LEU B 278 22.32 -5.77 13.21
N ALA B 279 21.41 -5.41 12.32
CA ALA B 279 21.48 -5.94 10.98
C ALA B 279 22.49 -5.11 10.20
N PRO B 280 22.36 -3.79 10.29
CA PRO B 280 23.33 -2.85 9.71
C PRO B 280 24.79 -3.24 9.90
N LEU B 281 25.08 -4.55 9.85
CA LEU B 281 26.44 -5.06 9.94
C LEU B 281 27.12 -4.59 11.21
N GLN B 282 26.46 -4.00 12.07
N LYS C 17 -14.87 8.12 -42.26
CA LYS C 17 -14.69 7.02 -41.27
C LYS C 17 -13.42 7.22 -40.43
N THR C 18 -12.37 7.76 -41.06
CA THR C 18 -11.13 8.09 -40.34
C THR C 18 -10.22 6.89 -40.15
N GLU C 19 -9.28 6.73 -41.08
CA GLU C 19 -8.35 5.63 -41.04
C GLU C 19 -7.43 5.85 -39.86
N VAL C 20 -6.98 4.78 -39.23
CA VAL C 20 -6.11 4.93 -38.08
C VAL C 20 -4.94 3.99 -38.11
N VAL C 21 -3.87 4.40 -37.46
CA VAL C 21 -2.69 3.59 -37.39
C VAL C 21 -2.22 3.57 -35.94
N LEU C 22 -2.19 2.37 -35.35
CA LEU C 22 -1.83 2.23 -33.93
C LEU C 22 -0.34 2.07 -33.68
N LEU C 23 0.23 3.08 -33.02
CA LEU C 23 1.65 3.05 -32.66
C LEU C 23 1.83 2.54 -31.23
N ALA C 24 2.76 1.61 -31.04
CA ALA C 24 2.99 0.99 -29.76
C ALA C 24 4.43 1.15 -29.35
N CYS C 25 4.75 2.22 -28.61
CA CYS C 25 6.10 2.34 -28.10
C CYS C 25 6.25 1.49 -26.88
N GLY C 26 7.41 0.86 -26.72
CA GLY C 26 7.65 0.05 -25.52
C GLY C 26 8.97 -0.68 -25.58
N SER C 27 9.52 -0.97 -24.42
CA SER C 27 10.77 -1.69 -24.33
C SER C 27 10.72 -2.90 -25.23
N PHE C 28 9.60 -3.60 -25.17
CA PHE C 28 9.46 -4.80 -25.94
C PHE C 28 10.66 -5.66 -25.68
N ASN C 29 11.07 -5.79 -24.42
CA ASN C 29 11.97 -6.89 -24.15
C ASN C 29 11.14 -8.00 -24.76
N PRO C 30 11.27 -9.19 -24.25
CA PRO C 30 10.74 -10.35 -25.00
C PRO C 30 9.32 -9.95 -25.44
N ILE C 31 9.09 -9.69 -26.71
CA ILE C 31 7.75 -9.37 -27.15
C ILE C 31 7.05 -10.66 -26.87
N THR C 32 5.74 -10.64 -26.62
CA THR C 32 5.04 -11.86 -26.23
C THR C 32 3.63 -11.89 -26.77
N ASN C 33 2.98 -13.04 -26.71
CA ASN C 33 1.62 -13.16 -27.21
C ASN C 33 0.76 -11.97 -26.76
N MSE C 34 0.97 -11.52 -25.53
CA MSE C 34 0.26 -10.35 -25.06
C MSE C 34 0.39 -9.17 -26.03
O MSE C 34 -0.61 -8.73 -26.64
CB MSE C 34 0.76 -9.90 -23.69
CG MSE C 34 0.18 -8.54 -23.24
SE MSE C 34 1.26 -7.69 -21.84
CE MSE C 34 1.26 -9.16 -20.62
N HIS C 35 1.60 -8.64 -26.19
CA HIS C 35 1.68 -7.42 -26.98
C HIS C 35 0.99 -7.62 -28.31
N LEU C 36 1.07 -8.84 -28.84
CA LEU C 36 0.45 -9.09 -30.11
C LEU C 36 -1.04 -9.02 -29.91
N ARG C 37 -1.51 -9.63 -28.84
CA ARG C 37 -2.94 -9.63 -28.59
C ARG C 37 -3.49 -8.21 -28.40
N LEU C 38 -2.68 -7.34 -27.79
CA LEU C 38 -3.13 -5.98 -27.59
C LEU C 38 -3.65 -5.41 -28.89
N PHE C 39 -2.80 -5.47 -29.92
CA PHE C 39 -3.17 -5.01 -31.26
C PHE C 39 -4.50 -5.67 -31.69
N GLU C 40 -4.60 -6.96 -31.47
CA GLU C 40 -5.82 -7.62 -31.85
C GLU C 40 -7.00 -6.92 -31.15
N LEU C 41 -6.82 -6.67 -29.86
CA LEU C 41 -7.86 -6.04 -29.07
C LEU C 41 -8.18 -4.65 -29.58
N ALA C 42 -7.17 -3.80 -29.65
CA ALA C 42 -7.42 -2.42 -30.04
C ALA C 42 -8.16 -2.34 -31.37
N LYS C 43 -7.69 -3.10 -32.34
CA LYS C 43 -8.31 -3.10 -33.65
C LYS C 43 -9.79 -3.42 -33.53
N ASP C 44 -10.09 -4.65 -33.12
CA ASP C 44 -11.48 -5.07 -33.00
C ASP C 44 -12.36 -3.98 -32.35
N TYR C 45 -11.77 -3.24 -31.43
CA TYR C 45 -12.50 -2.18 -30.77
C TYR C 45 -12.86 -1.07 -31.76
N MSE C 46 -11.84 -0.33 -32.19
CA MSE C 46 -12.07 0.83 -33.05
C MSE C 46 -12.90 0.45 -34.30
O MSE C 46 -13.88 1.13 -34.62
CB MSE C 46 -10.75 1.51 -33.42
CG MSE C 46 -9.79 1.76 -32.25
SE MSE C 46 -10.03 3.46 -31.27
CE MSE C 46 -9.37 4.66 -32.61
N ASN C 47 -12.56 -0.65 -34.96
CA ASN C 47 -13.35 -1.10 -36.09
C ASN C 47 -14.78 -1.28 -35.66
N GLY C 48 -14.97 -1.83 -34.46
CA GLY C 48 -16.31 -2.13 -33.97
C GLY C 48 -17.08 -0.91 -33.50
N THR C 49 -16.45 0.26 -33.57
CA THR C 49 -17.09 1.49 -33.11
C THR C 49 -17.86 2.12 -34.25
N GLY C 50 -17.41 1.81 -35.48
CA GLY C 50 -18.04 2.34 -36.67
C GLY C 50 -17.43 3.67 -37.10
N ARG C 51 -16.89 4.40 -36.16
CA ARG C 51 -16.33 5.68 -36.48
C ARG C 51 -14.86 5.57 -36.86
N TYR C 52 -14.41 4.35 -37.15
CA TYR C 52 -12.99 4.12 -37.40
C TYR C 52 -12.68 2.91 -38.29
N THR C 53 -11.49 2.93 -38.88
CA THR C 53 -10.98 1.79 -39.64
C THR C 53 -9.47 1.68 -39.48
N VAL C 54 -9.04 0.63 -38.79
CA VAL C 54 -7.63 0.44 -38.45
C VAL C 54 -6.88 0.01 -39.67
N VAL C 55 -5.96 0.83 -40.11
CA VAL C 55 -5.25 0.55 -41.34
C VAL C 55 -3.98 -0.26 -41.15
N LYS C 56 -3.15 0.12 -40.17
CA LYS C 56 -1.93 -0.61 -39.90
C LYS C 56 -1.43 -0.42 -38.46
N GLY C 57 -0.70 -1.41 -37.95
CA GLY C 57 -0.16 -1.32 -36.60
C GLY C 57 1.36 -1.36 -36.65
N ILE C 58 1.98 -0.52 -35.83
CA ILE C 58 3.42 -0.35 -35.80
C ILE C 58 4.04 -0.70 -34.44
N ILE C 59 5.03 -1.57 -34.42
CA ILE C 59 5.74 -1.84 -33.19
C ILE C 59 7.02 -1.03 -33.22
N SER C 60 7.34 -0.31 -32.15
CA SER C 60 8.52 0.52 -32.18
C SER C 60 9.37 0.32 -30.96
N PRO C 61 10.22 -0.69 -30.99
CA PRO C 61 11.12 -0.97 -29.86
C PRO C 61 11.92 0.23 -29.42
N VAL C 62 12.08 0.43 -28.12
CA VAL C 62 12.83 1.59 -27.61
C VAL C 62 14.28 1.45 -27.96
N GLY C 63 14.96 2.61 -28.01
CA GLY C 63 16.40 2.65 -28.24
C GLY C 63 17.13 2.16 -27.01
N ASP C 64 18.44 1.91 -27.11
CA ASP C 64 19.18 1.39 -25.98
C ASP C 64 19.51 2.52 -25.04
N ALA C 65 19.41 3.74 -25.55
CA ALA C 65 19.75 4.89 -24.74
C ALA C 65 18.75 5.06 -23.59
N TYR C 66 17.57 4.47 -23.76
CA TYR C 66 16.52 4.53 -22.73
C TYR C 66 17.09 4.13 -21.36
N LYS C 67 18.06 3.21 -21.41
CA LYS C 67 18.82 2.78 -20.24
C LYS C 67 17.98 2.27 -19.09
N LYS C 68 17.05 1.37 -19.40
CA LYS C 68 16.27 0.77 -18.33
C LYS C 68 16.95 -0.53 -17.91
N LYS C 69 16.74 -0.94 -16.67
CA LYS C 69 17.34 -2.16 -16.15
C LYS C 69 17.00 -3.39 -17.01
N GLY C 70 17.97 -4.28 -17.18
CA GLY C 70 17.77 -5.51 -17.93
C GLY C 70 17.40 -5.32 -19.40
N LEU C 71 17.57 -4.10 -19.91
CA LEU C 71 17.26 -3.85 -21.32
C LEU C 71 18.38 -4.37 -22.22
N ILE C 72 18.18 -5.54 -22.81
CA ILE C 72 19.18 -6.06 -23.76
C ILE C 72 19.22 -5.19 -25.01
N PRO C 73 20.32 -5.24 -25.75
CA PRO C 73 20.51 -4.37 -26.91
C PRO C 73 19.45 -4.48 -27.99
N ALA C 74 19.07 -3.32 -28.50
CA ALA C 74 17.99 -3.27 -29.45
C ALA C 74 17.99 -4.36 -30.55
N TYR C 75 19.14 -4.64 -31.20
CA TYR C 75 19.07 -5.55 -32.36
C TYR C 75 18.13 -6.70 -32.07
N HIS C 76 18.36 -7.33 -30.92
CA HIS C 76 17.56 -8.49 -30.50
C HIS C 76 16.09 -8.09 -30.41
N ARG C 77 15.84 -6.96 -29.77
CA ARG C 77 14.45 -6.54 -29.62
C ARG C 77 13.81 -6.35 -30.99
N VAL C 78 14.45 -5.56 -31.85
CA VAL C 78 13.82 -5.37 -33.16
C VAL C 78 13.68 -6.71 -33.87
N ILE C 79 14.74 -7.50 -33.85
CA ILE C 79 14.65 -8.77 -34.56
C ILE C 79 13.39 -9.54 -34.15
N MSE C 80 13.36 -9.80 -32.82
CA MSE C 80 12.35 -10.67 -32.19
C MSE C 80 10.95 -10.21 -32.62
O MSE C 80 10.11 -11.03 -33.04
CB MSE C 80 12.49 -10.64 -30.66
CG MSE C 80 12.81 -11.99 -30.02
SE MSE C 80 13.48 -11.76 -28.18
CE MSE C 80 14.35 -10.07 -28.46
N ALA C 81 10.74 -8.90 -32.55
CA ALA C 81 9.46 -8.36 -32.94
C ALA C 81 9.15 -8.77 -34.38
N GLU C 82 10.11 -8.50 -35.27
CA GLU C 82 9.95 -8.80 -36.66
C GLU C 82 9.59 -10.25 -36.78
N LEU C 83 10.35 -11.11 -36.13
CA LEU C 83 10.05 -12.51 -36.24
C LEU C 83 8.60 -12.68 -35.80
N ALA C 84 8.33 -12.04 -34.66
CA ALA C 84 7.04 -12.01 -34.04
C ALA C 84 5.92 -11.67 -35.01
N THR C 85 6.20 -10.73 -35.89
CA THR C 85 5.17 -10.21 -36.79
C THR C 85 5.23 -10.78 -38.21
N LYS C 86 6.31 -11.51 -38.52
CA LYS C 86 6.54 -12.03 -39.86
C LYS C 86 5.21 -12.46 -40.50
N ASN C 87 4.36 -13.10 -39.70
CA ASN C 87 3.11 -13.66 -40.19
C ASN C 87 1.89 -12.75 -40.08
N SER C 88 2.09 -11.46 -39.85
CA SER C 88 0.94 -10.57 -39.72
C SER C 88 0.77 -9.72 -40.95
N LYS C 89 -0.48 -9.57 -41.41
CA LYS C 89 -0.73 -8.76 -42.57
C LYS C 89 -0.90 -7.27 -42.24
N TRP C 90 -0.95 -6.90 -40.96
CA TRP C 90 -1.15 -5.47 -40.63
C TRP C 90 -0.26 -4.85 -39.55
N VAL C 91 0.44 -5.67 -38.80
CA VAL C 91 1.34 -5.15 -37.79
C VAL C 91 2.76 -5.25 -38.31
N GLU C 92 3.43 -4.13 -38.46
CA GLU C 92 4.84 -4.16 -38.89
C GLU C 92 5.75 -3.47 -37.87
N VAL C 93 7.01 -3.91 -37.77
CA VAL C 93 7.95 -3.25 -36.88
C VAL C 93 8.41 -1.94 -37.50
N ASP C 94 9.20 -1.15 -36.78
CA ASP C 94 9.66 0.12 -37.32
C ASP C 94 10.81 0.59 -36.46
N THR C 95 11.99 0.70 -37.08
CA THR C 95 13.28 0.78 -36.39
C THR C 95 13.82 2.17 -36.11
N TRP C 96 13.15 3.18 -36.62
CA TRP C 96 13.63 4.55 -36.53
C TRP C 96 14.02 5.00 -35.12
N GLU C 97 13.27 4.53 -34.14
CA GLU C 97 13.48 4.93 -32.77
C GLU C 97 14.73 4.23 -32.22
N SER C 98 14.87 2.95 -32.54
CA SER C 98 15.96 2.15 -32.01
C SER C 98 17.33 2.60 -32.54
N LEU C 99 17.35 3.39 -33.61
CA LEU C 99 18.65 3.81 -34.16
C LEU C 99 19.11 5.17 -33.64
N GLN C 100 18.17 6.03 -33.26
CA GLN C 100 18.53 7.34 -32.72
C GLN C 100 19.64 7.21 -31.69
N LYS C 101 20.52 8.21 -31.62
CA LYS C 101 21.61 8.14 -30.65
C LYS C 101 21.12 8.52 -29.28
N GLU C 102 20.16 9.45 -29.24
CA GLU C 102 19.58 9.92 -27.98
C GLU C 102 18.21 9.28 -27.80
N TRP C 103 17.86 8.99 -26.55
CA TRP C 103 16.55 8.41 -26.26
C TRP C 103 15.49 9.39 -26.73
N LYS C 104 14.40 8.85 -27.24
CA LYS C 104 13.36 9.66 -27.83
C LYS C 104 12.09 9.75 -26.95
N GLU C 105 11.63 10.98 -26.72
CA GLU C 105 10.38 11.21 -26.00
C GLU C 105 9.23 10.73 -26.89
N THR C 106 8.35 9.92 -26.30
CA THR C 106 7.23 9.33 -27.01
C THR C 106 6.59 10.34 -27.90
N LEU C 107 6.43 11.54 -27.37
CA LEU C 107 5.80 12.58 -28.18
C LEU C 107 6.52 12.72 -29.50
N LYS C 108 7.86 12.69 -29.47
CA LYS C 108 8.62 12.90 -30.70
C LYS C 108 8.41 11.75 -31.67
N VAL C 109 8.35 10.53 -31.14
CA VAL C 109 8.09 9.36 -31.95
C VAL C 109 6.72 9.45 -32.62
N LEU C 110 5.71 9.88 -31.87
CA LEU C 110 4.37 9.98 -32.44
C LEU C 110 4.38 10.96 -33.61
N ARG C 111 4.99 12.13 -33.36
CA ARG C 111 5.06 13.17 -34.37
C ARG C 111 5.71 12.58 -35.60
N HIS C 112 6.92 12.05 -35.40
CA HIS C 112 7.63 11.39 -36.48
C HIS C 112 6.66 10.62 -37.35
N HIS C 113 6.08 9.56 -36.80
CA HIS C 113 5.22 8.69 -37.60
C HIS C 113 4.08 9.44 -38.27
N GLN C 114 3.58 10.47 -37.59
CA GLN C 114 2.47 11.23 -38.15
C GLN C 114 3.02 12.00 -39.33
N GLU C 115 4.09 12.75 -39.10
CA GLU C 115 4.73 13.51 -40.16
C GLU C 115 4.98 12.59 -41.36
N LYS C 116 5.56 11.42 -41.11
CA LYS C 116 5.81 10.47 -42.18
C LYS C 116 4.55 10.25 -42.99
N LEU C 117 3.44 9.98 -42.32
CA LEU C 117 2.19 9.71 -43.02
C LEU C 117 1.79 10.89 -43.91
N GLU C 118 2.10 12.10 -43.45
CA GLU C 118 1.80 13.31 -44.22
C GLU C 118 2.78 13.53 -45.39
N ALA C 119 3.40 12.44 -45.86
CA ALA C 119 4.34 12.50 -46.99
C ALA C 119 4.16 11.31 -47.95
N ALA C 158 -7.60 11.97 -46.80
CA ALA C 158 -6.69 10.83 -46.75
C ALA C 158 -5.51 11.07 -45.81
N VAL C 159 -5.79 11.16 -44.51
CA VAL C 159 -4.76 11.37 -43.50
C VAL C 159 -5.05 10.48 -42.29
N PRO C 160 -4.47 9.29 -42.26
CA PRO C 160 -4.69 8.37 -41.14
C PRO C 160 -4.13 8.95 -39.86
N LYS C 161 -4.94 9.00 -38.83
CA LYS C 161 -4.46 9.54 -37.58
C LYS C 161 -3.68 8.48 -36.83
N VAL C 162 -2.49 8.86 -36.37
CA VAL C 162 -1.68 7.98 -35.54
C VAL C 162 -2.28 8.02 -34.16
N LYS C 163 -2.30 6.90 -33.48
CA LYS C 163 -2.80 6.92 -32.11
C LYS C 163 -2.01 5.97 -31.24
N LEU C 164 -1.66 6.44 -30.05
CA LEU C 164 -0.78 5.69 -29.14
C LEU C 164 -1.47 4.46 -28.55
N LEU C 165 -0.92 3.27 -28.79
CA LEU C 165 -1.49 2.04 -28.21
C LEU C 165 -0.79 1.86 -26.93
N CYS C 166 -1.49 1.40 -25.90
CA CYS C 166 -0.80 1.21 -24.63
C CYS C 166 -1.60 0.45 -23.62
N GLY C 167 -0.93 0.05 -22.52
CA GLY C 167 -1.57 -0.60 -21.41
C GLY C 167 -1.71 0.37 -20.24
N ALA C 168 -2.13 -0.15 -19.08
CA ALA C 168 -2.34 0.67 -17.88
C ALA C 168 -1.06 1.34 -17.37
N ASP C 169 -0.01 0.54 -17.18
CA ASP C 169 1.25 1.05 -16.63
C ASP C 169 1.68 2.38 -17.25
N LEU C 170 1.92 2.35 -18.55
CA LEU C 170 2.23 3.55 -19.31
C LEU C 170 1.37 4.69 -18.76
N LEU C 171 0.08 4.60 -19.04
CA LEU C 171 -0.89 5.58 -18.59
C LEU C 171 -0.62 6.02 -17.16
N GLU C 172 -0.66 5.08 -16.24
CA GLU C 172 -0.48 5.43 -14.84
C GLU C 172 0.89 6.05 -14.58
N SER C 173 1.85 5.72 -15.42
CA SER C 173 3.18 6.29 -15.26
C SER C 173 3.15 7.82 -15.44
N PHE C 174 2.06 8.33 -16.03
CA PHE C 174 1.90 9.78 -16.21
C PHE C 174 2.04 10.55 -14.91
N ALA C 175 1.85 9.84 -13.81
CA ALA C 175 1.91 10.48 -12.50
C ALA C 175 3.30 10.45 -11.87
N VAL C 176 4.14 9.51 -12.30
CA VAL C 176 5.52 9.48 -11.84
C VAL C 176 6.13 10.89 -12.00
N PRO C 177 6.73 11.39 -10.96
CA PRO C 177 7.33 12.74 -10.99
C PRO C 177 8.53 12.81 -11.95
N ASN C 178 8.51 13.78 -12.85
CA ASN C 178 9.63 14.00 -13.77
C ASN C 178 9.75 13.00 -14.90
N LEU C 179 8.86 12.02 -14.94
CA LEU C 179 8.91 11.03 -16.00
C LEU C 179 8.35 11.59 -17.30
N TRP C 180 7.38 12.51 -17.21
CA TRP C 180 6.80 13.11 -18.40
C TRP C 180 6.75 14.60 -18.32
N LYS C 181 6.81 15.23 -19.48
CA LYS C 181 6.67 16.67 -19.57
C LYS C 181 5.18 17.01 -19.61
N SER C 182 4.68 17.56 -18.50
CA SER C 182 3.27 17.90 -18.41
C SER C 182 2.65 18.21 -19.78
N GLU C 183 3.21 19.18 -20.50
CA GLU C 183 2.69 19.50 -21.83
C GLU C 183 2.87 18.35 -22.83
N ASP C 184 3.84 17.48 -22.61
CA ASP C 184 3.95 16.35 -23.51
C ASP C 184 2.67 15.54 -23.43
N ILE C 185 2.25 15.22 -22.20
CA ILE C 185 1.00 14.51 -21.99
C ILE C 185 -0.08 15.23 -22.74
N THR C 186 -0.21 16.51 -22.46
CA THR C 186 -1.26 17.27 -23.08
C THR C 186 -1.19 17.04 -24.55
N GLN C 187 -0.11 17.49 -25.17
CA GLN C 187 -0.03 17.40 -26.62
C GLN C 187 -0.42 15.99 -27.09
N ILE C 188 0.17 14.98 -26.46
CA ILE C 188 -0.15 13.62 -26.85
C ILE C 188 -1.64 13.45 -26.90
N VAL C 189 -2.25 13.48 -25.74
CA VAL C 189 -3.67 13.23 -25.64
C VAL C 189 -4.48 14.13 -26.59
N ALA C 190 -4.06 15.37 -26.70
CA ALA C 190 -4.80 16.34 -27.49
C ALA C 190 -4.76 16.06 -28.99
N ASN C 191 -3.57 15.93 -29.54
CA ASN C 191 -3.39 15.83 -30.99
C ASN C 191 -3.30 14.40 -31.54
N TYR C 192 -3.00 13.45 -30.66
CA TYR C 192 -2.98 12.05 -31.02
C TYR C 192 -3.74 11.29 -29.94
N GLY C 193 -4.60 10.38 -30.35
CA GLY C 193 -5.39 9.62 -29.39
C GLY C 193 -4.56 8.74 -28.47
N LEU C 194 -5.22 8.11 -27.52
CA LEU C 194 -4.55 7.23 -26.59
C LEU C 194 -5.47 6.03 -26.38
N ILE C 195 -5.05 4.85 -26.81
CA ILE C 195 -5.86 3.67 -26.66
C ILE C 195 -5.23 2.77 -25.66
N CYS C 196 -6.00 2.45 -24.63
CA CYS C 196 -5.48 1.73 -23.52
C CYS C 196 -6.22 0.42 -23.30
N VAL C 197 -5.54 -0.71 -23.47
CA VAL C 197 -6.23 -1.96 -23.30
C VAL C 197 -5.76 -2.55 -21.98
N THR C 198 -6.71 -2.99 -21.15
CA THR C 198 -6.39 -3.40 -19.80
C THR C 198 -7.35 -4.36 -19.24
N ARG C 199 -6.85 -5.08 -18.26
CA ARG C 199 -7.66 -6.01 -17.53
C ARG C 199 -8.26 -5.13 -16.46
N ALA C 200 -7.52 -4.10 -16.09
CA ALA C 200 -7.94 -3.16 -15.03
C ALA C 200 -8.65 -1.95 -15.61
N GLY C 201 -9.81 -2.20 -16.22
CA GLY C 201 -10.59 -1.13 -16.80
C GLY C 201 -10.83 0.00 -15.82
N ASN C 202 -11.54 -0.31 -14.73
CA ASN C 202 -11.90 0.72 -13.75
C ASN C 202 -10.71 1.60 -13.37
N ASP C 203 -9.71 1.03 -12.71
CA ASP C 203 -8.57 1.85 -12.31
C ASP C 203 -8.20 2.82 -13.44
N ALA C 204 -8.06 2.30 -14.64
CA ALA C 204 -7.72 3.15 -15.75
C ALA C 204 -8.70 4.31 -15.83
N GLN C 205 -9.99 4.00 -15.67
CA GLN C 205 -10.96 5.06 -15.77
C GLN C 205 -10.97 6.03 -14.59
N LYS C 206 -10.75 5.52 -13.37
CA LYS C 206 -10.55 6.44 -12.26
C LYS C 206 -9.39 7.35 -12.59
N PHE C 207 -8.25 6.75 -12.89
CA PHE C 207 -7.06 7.53 -13.17
C PHE C 207 -7.40 8.71 -14.06
N ILE C 208 -8.15 8.46 -15.12
CA ILE C 208 -8.54 9.52 -16.00
C ILE C 208 -9.37 10.53 -15.21
N TYR C 209 -10.42 10.05 -14.56
CA TYR C 209 -11.28 10.91 -13.77
C TYR C 209 -10.44 11.76 -12.85
N GLU C 210 -9.42 11.14 -12.29
CA GLU C 210 -8.55 11.78 -11.34
C GLU C 210 -7.74 12.97 -11.88
N SER C 211 -7.61 13.16 -13.18
CA SER C 211 -6.72 14.20 -13.69
C SER C 211 -7.40 15.15 -14.64
N ASP C 212 -7.27 16.45 -14.37
CA ASP C 212 -7.95 17.41 -15.20
C ASP C 212 -7.49 17.38 -16.65
N VAL C 213 -6.18 17.23 -16.87
CA VAL C 213 -5.65 17.19 -18.24
C VAL C 213 -6.25 16.03 -19.01
N LEU C 214 -6.19 14.83 -18.44
CA LEU C 214 -6.70 13.66 -19.12
C LEU C 214 -8.20 13.82 -19.32
N TRP C 215 -8.92 14.07 -18.23
CA TRP C 215 -10.36 14.17 -18.35
C TRP C 215 -10.76 15.16 -19.41
N LYS C 216 -10.11 16.31 -19.44
CA LYS C 216 -10.46 17.31 -20.41
C LYS C 216 -10.40 16.71 -21.81
N HIS C 217 -9.43 15.85 -22.08
CA HIS C 217 -9.34 15.29 -23.41
C HIS C 217 -9.82 13.86 -23.46
N ARG C 218 -10.71 13.50 -22.55
CA ARG C 218 -11.13 12.13 -22.44
C ARG C 218 -11.73 11.57 -23.73
N SER C 219 -12.29 12.44 -24.56
CA SER C 219 -12.94 12.00 -25.80
C SER C 219 -11.91 11.45 -26.76
N ASN C 220 -10.65 11.61 -26.43
CA ASN C 220 -9.60 11.07 -27.23
C ASN C 220 -8.91 9.92 -26.54
N ILE C 221 -9.50 9.44 -25.46
CA ILE C 221 -8.89 8.35 -24.76
C ILE C 221 -9.88 7.22 -24.68
N HIS C 222 -9.48 6.03 -25.09
CA HIS C 222 -10.41 4.94 -25.05
C HIS C 222 -9.86 3.78 -24.24
N VAL C 223 -10.66 3.30 -23.29
CA VAL C 223 -10.19 2.23 -22.49
C VAL C 223 -10.77 0.95 -22.99
N VAL C 224 -9.92 0.00 -23.35
CA VAL C 224 -10.45 -1.20 -23.91
C VAL C 224 -10.33 -2.32 -22.95
N ASN C 225 -11.45 -2.98 -22.70
CA ASN C 225 -11.49 -4.01 -21.71
C ASN C 225 -10.95 -5.31 -22.23
N GLU C 226 -10.04 -5.88 -21.48
CA GLU C 226 -9.43 -7.14 -21.79
C GLU C 226 -10.14 -8.25 -21.03
N TRP C 227 -11.28 -8.71 -21.53
CA TRP C 227 -11.84 -9.95 -20.98
C TRP C 227 -10.88 -11.05 -21.48
N ILE C 228 -10.79 -12.18 -20.77
CA ILE C 228 -9.74 -13.19 -21.04
C ILE C 228 -8.40 -12.58 -20.62
N ALA C 229 -7.85 -13.06 -19.52
CA ALA C 229 -6.63 -12.46 -18.99
C ALA C 229 -5.36 -12.76 -19.73
N ASN C 230 -4.67 -11.70 -20.13
CA ASN C 230 -3.35 -11.81 -20.72
C ASN C 230 -2.35 -11.88 -19.59
N ASP C 231 -1.67 -10.77 -19.34
CA ASP C 231 -0.72 -10.63 -18.24
C ASP C 231 0.62 -11.34 -18.43
N ILE C 232 0.91 -11.80 -19.65
CA ILE C 232 2.21 -12.41 -19.88
C ILE C 232 3.25 -11.31 -19.93
N SER C 233 3.66 -10.84 -18.75
CA SER C 233 4.60 -9.75 -18.66
C SER C 233 5.97 -10.15 -19.15
N SER C 234 6.68 -9.18 -19.71
CA SER C 234 8.06 -9.39 -20.08
C SER C 234 8.77 -9.95 -18.87
N THR C 235 8.71 -9.19 -17.78
CA THR C 235 9.40 -9.64 -16.56
C THR C 235 9.15 -11.12 -16.26
N LYS C 236 7.91 -11.54 -16.20
CA LYS C 236 7.75 -12.95 -15.84
C LYS C 236 8.43 -13.82 -16.87
N ILE C 237 8.36 -13.42 -18.13
CA ILE C 237 9.00 -14.26 -19.14
C ILE C 237 10.50 -14.31 -18.93
N ARG C 238 11.14 -13.15 -18.77
CA ARG C 238 12.58 -13.18 -18.50
C ARG C 238 12.90 -14.11 -17.32
N ARG C 239 12.26 -13.85 -16.18
CA ARG C 239 12.49 -14.67 -15.02
C ARG C 239 12.39 -16.15 -15.39
N ALA C 240 11.31 -16.55 -16.05
CA ALA C 240 11.20 -17.95 -16.44
C ALA C 240 12.49 -18.37 -17.13
N LEU C 241 12.79 -17.67 -18.22
CA LEU C 241 13.96 -18.02 -19.00
C LEU C 241 15.12 -18.27 -18.08
N ARG C 242 15.41 -17.27 -17.26
CA ARG C 242 16.52 -17.33 -16.35
C ARG C 242 16.56 -18.67 -15.60
N ARG C 243 15.40 -19.27 -15.34
CA ARG C 243 15.36 -20.50 -14.55
C ARG C 243 15.16 -21.72 -15.41
N GLY C 244 15.27 -21.55 -16.71
CA GLY C 244 15.12 -22.67 -17.63
C GLY C 244 13.73 -23.25 -17.64
N GLN C 245 12.71 -22.36 -17.57
CA GLN C 245 11.31 -22.78 -17.47
C GLN C 245 10.68 -23.26 -18.80
N SER C 246 9.90 -22.44 -19.47
CA SER C 246 9.41 -22.88 -20.76
C SER C 246 8.99 -21.81 -21.75
N ILE C 247 8.27 -20.80 -21.33
CA ILE C 247 7.94 -19.74 -22.27
C ILE C 247 7.05 -20.24 -23.47
N ARG C 248 7.17 -21.50 -23.81
CA ARG C 248 6.42 -22.01 -24.95
C ARG C 248 4.94 -21.73 -24.84
N TYR C 249 4.40 -21.05 -25.84
CA TYR C 249 2.97 -20.75 -25.88
C TYR C 249 2.70 -19.38 -25.33
N LEU C 250 3.69 -18.76 -24.72
CA LEU C 250 3.50 -17.42 -24.21
C LEU C 250 4.05 -16.44 -25.20
N VAL C 251 4.90 -16.92 -26.10
CA VAL C 251 5.43 -16.08 -27.15
C VAL C 251 5.34 -16.87 -28.42
N PRO C 252 5.39 -16.21 -29.56
CA PRO C 252 5.41 -16.93 -30.85
C PRO C 252 6.69 -17.77 -31.02
N ASP C 253 6.52 -19.01 -31.51
CA ASP C 253 7.64 -19.95 -31.74
C ASP C 253 8.94 -19.30 -32.29
N LEU C 254 8.85 -18.65 -33.46
CA LEU C 254 10.11 -18.19 -34.04
C LEU C 254 10.77 -17.44 -32.94
N VAL C 255 9.97 -16.74 -32.16
CA VAL C 255 10.51 -15.96 -31.07
C VAL C 255 11.20 -16.92 -30.12
N GLN C 256 10.44 -17.86 -29.58
CA GLN C 256 11.05 -18.76 -28.63
C GLN C 256 12.37 -19.23 -29.17
N GLU C 257 12.29 -19.80 -30.38
CA GLU C 257 13.46 -20.36 -31.04
C GLU C 257 14.56 -19.32 -31.14
N TYR C 258 14.23 -18.13 -31.53
CA TYR C 258 15.30 -17.15 -31.54
C TYR C 258 15.90 -17.04 -30.15
N ILE C 259 15.06 -17.20 -29.13
CA ILE C 259 15.54 -17.03 -27.78
C ILE C 259 16.45 -18.17 -27.37
N GLU C 260 15.95 -19.40 -27.53
CA GLU C 260 16.71 -20.53 -27.04
C GLU C 260 18.03 -20.70 -27.78
N LYS C 261 18.06 -20.39 -29.07
CA LYS C 261 19.30 -20.44 -29.78
C LYS C 261 19.84 -19.08 -29.68
N HIS C 262 20.51 -18.76 -28.57
CA HIS C 262 21.05 -17.42 -28.38
C HIS C 262 21.08 -17.06 -26.91
N ASN C 263 20.58 -17.97 -26.06
CA ASN C 263 20.52 -17.74 -24.61
C ASN C 263 20.48 -16.25 -24.27
N LEU C 264 19.45 -15.55 -24.76
CA LEU C 264 19.40 -14.09 -24.63
C LEU C 264 19.26 -13.55 -23.21
N TYR C 265 18.48 -14.24 -22.38
CA TYR C 265 18.21 -13.74 -21.04
C TYR C 265 18.96 -14.54 -20.00
N SER C 266 19.75 -13.87 -19.18
CA SER C 266 20.62 -14.56 -18.25
C SER C 266 20.47 -14.12 -16.80
N SER C 267 20.71 -12.85 -16.55
CA SER C 267 20.77 -12.32 -15.18
C SER C 267 21.97 -11.41 -15.19
N GLU C 268 23.00 -11.85 -15.90
CA GLU C 268 24.10 -10.99 -16.21
C GLU C 268 23.41 -9.88 -16.98
N SER C 269 22.47 -10.33 -17.82
CA SER C 269 21.68 -9.43 -18.65
C SER C 269 20.76 -8.53 -17.82
N GLU C 270 20.09 -9.11 -16.84
CA GLU C 270 19.20 -8.31 -16.03
C GLU C 270 19.94 -7.23 -15.24
N ASP C 271 21.24 -7.42 -15.05
CA ASP C 271 22.08 -6.46 -14.34
C ASP C 271 22.28 -5.19 -15.18
N ARG C 272 21.98 -5.30 -16.47
CA ARG C 272 22.20 -4.19 -17.40
C ARG C 272 21.55 -2.89 -16.94
N ASN C 273 22.30 -1.80 -17.04
CA ASN C 273 21.79 -0.45 -16.76
C ASN C 273 21.41 -0.18 -15.31
N ALA C 274 22.15 -0.72 -14.35
CA ALA C 274 21.82 -0.48 -12.95
C ALA C 274 22.12 0.96 -12.50
N GLY C 275 21.67 1.94 -13.28
CA GLY C 275 21.89 3.34 -12.94
C GLY C 275 21.04 4.37 -13.68
N VAL C 276 19.88 4.71 -13.11
CA VAL C 276 19.03 5.82 -13.56
C VAL C 276 18.65 5.85 -15.03
N ILE C 277 17.35 5.76 -15.32
CA ILE C 277 16.86 5.80 -16.71
C ILE C 277 16.83 7.20 -17.30
N LEU C 278 16.45 7.29 -18.56
CA LEU C 278 16.52 8.54 -19.30
C LEU C 278 15.31 9.45 -19.16
N ALA C 279 14.54 9.27 -18.09
CA ALA C 279 13.41 10.15 -17.88
C ALA C 279 13.88 11.44 -17.23
N PRO C 280 14.71 11.32 -16.20
CA PRO C 280 15.32 12.47 -15.52
C PRO C 280 15.91 13.49 -16.49
N LEU C 281 15.23 13.67 -17.63
CA LEU C 281 15.58 14.69 -18.61
C LEU C 281 17.00 14.56 -19.16
N GLN C 282 17.16 14.11 -20.29
O3P NMN D . -11.23 20.17 6.36
P NMN D . -10.26 19.42 7.22
O1P NMN D . -10.92 18.09 7.49
O2P NMN D . -8.85 19.46 6.60
O5R NMN D . -10.08 20.15 8.67
C5R NMN D . -9.84 19.35 9.83
C4R NMN D . -9.29 20.14 10.99
O4R NMN D . -8.72 19.55 12.19
C3R NMN D . -9.11 21.43 10.98
O3R NMN D . -10.05 22.16 10.75
C2R NMN D . -8.19 21.74 11.91
O2R NMN D . -7.99 22.90 12.27
C1R NMN D . -7.81 20.62 12.57
N1 NMN D . -6.57 20.35 13.12
C2 NMN D . -6.36 20.54 14.43
C3 NMN D . -5.14 20.28 15.03
C7 NMN D . -4.99 20.54 16.50
O7 NMN D . -5.92 20.95 17.15
N7 NMN D . -3.82 20.29 17.07
C4 NMN D . -4.08 19.79 14.29
C5 NMN D . -4.31 19.57 12.94
C6 NMN D . -5.56 19.87 12.37
O3P NMN E . 12.47 -11.51 16.25
P NMN E . 12.47 -12.11 14.88
O1P NMN E . 11.79 -13.45 14.99
O2P NMN E . 11.95 -11.03 13.93
O5R NMN E . 13.98 -12.45 14.45
C5R NMN E . 14.16 -13.72 13.83
C4R NMN E . 15.60 -13.94 13.91
O4R NMN E . 16.38 -14.39 12.78
C3R NMN E . 16.31 -13.29 14.80
O3R NMN E . 16.24 -13.55 15.97
C2R NMN E . 17.43 -12.97 14.23
O2R NMN E . 18.46 -12.70 14.85
C1R NMN E . 17.43 -13.42 12.98
N1 NMN E . 17.94 -12.65 12.03
C2 NMN E . 19.02 -13.09 11.41
C3 NMN E . 19.59 -12.30 10.44
C7 NMN E . 20.79 -12.79 9.74
O7 NMN E . 21.26 -13.90 10.00
N7 NMN E . 21.28 -11.97 8.82
C4 NMN E . 19.07 -11.05 10.13
C5 NMN E . 17.94 -10.62 10.82
C6 NMN E . 17.39 -11.45 11.80
O3P NMN F . 9.00 -0.53 -22.39
P NMN F . 8.16 -0.28 -21.17
O1P NMN F . 7.09 -1.35 -21.21
O2P NMN F . 9.06 -0.11 -19.98
O5R NMN F . 7.50 1.15 -21.35
C5R NMN F . 8.43 2.23 -21.41
C4R NMN F . 8.05 3.18 -22.49
O4R NMN F . 7.21 4.31 -22.22
C3R NMN F . 8.75 3.42 -23.58
O3R NMN F . 8.65 2.70 -24.57
C2R NMN F . 8.87 4.76 -23.67
O2R NMN F . 9.31 5.32 -24.65
C1R NMN F . 8.07 5.32 -22.77
N1 NMN F . 8.33 6.39 -21.99
C2 NMN F . 8.05 7.65 -22.36
C3 NMN F . 8.29 8.72 -21.49
C7 NMN F . 8.00 10.14 -21.94
O7 NMN F . 7.55 10.36 -23.06
N7 NMN F . 8.22 11.16 -21.12
C4 NMN F . 8.80 8.45 -20.21
C5 NMN F . 9.06 7.12 -19.85
C6 NMN F . 8.80 6.11 -20.76
#